data_6MYZ
#
_entry.id   6MYZ
#
_cell.length_a   50.065
_cell.length_b   105.586
_cell.length_c   194.670
_cell.angle_alpha   90.00
_cell.angle_beta   90.00
_cell.angle_gamma   90.00
#
_symmetry.space_group_name_H-M   'P 21 21 21'
#
loop_
_entity.id
_entity.type
_entity.pdbx_description
1 polymer 'Tyrosyl-DNA phosphodiesterase 1'
2 non-polymer '4-oxo-8-phenyl-1,4-dihydroquinoline-3-carboxylic acid'
3 non-polymer 1,2-ETHANEDIOL
4 water water
#
_entity_poly.entity_id   1
_entity_poly.type   'polypeptide(L)'
_entity_poly.pdbx_seq_one_letter_code
;SGEGQDIWDMLDKGNPFQFYLTRVSGVKPKYNSGALHIKDILSPLFGTLVSSAQFNYCFDVDWLVKQYPPEFRKKPILLV
HGDKREAKAHLHAQAKPYENISLCQAKLDIAFGTHHTKMMLLLYEEGLRVVIHTSNLIHADWHQKTQGIWLSPLYPRIAD
GTHKSGESPTHFKADLISYLMAYNAPSLKEWIDVIHKHDLSETNVYLIGSTPGRFQGSQKDNWGHFRLKKLLKDHASSMP
NAESWPVVGQFSSVGSLGADESKWLCSEFKESMLTLGKESKTPGKSSVPLYLIYPSVENVRTSLEGYPAGGSLPYSIQTA
EKQNWLHSYFHKWSAETSGRSNAMPHIKTYMRPSPDFSKIAWFLVTSANLSKAAWGALEKNGTQLMIRSYELGVLFLPSA
FGLDSFKVKQKFFAGSQEPMATFPVPYDLPPELYGSKDRPWIWNIPYVKAPDTHGNMWVPS
;
_entity_poly.pdbx_strand_id   A,B
#
loop_
_chem_comp.id
_chem_comp.type
_chem_comp.name
_chem_comp.formula
EDO non-polymer 1,2-ETHANEDIOL 'C2 H6 O2'
K7D non-polymer '4-oxo-8-phenyl-1,4-dihydroquinoline-3-carboxylic acid' 'C16 H11 N O3'
#
# COMPACT_ATOMS: atom_id res chain seq x y z
N ASN A 15 14.00 -14.27 14.11
CA ASN A 15 14.09 -13.41 12.93
C ASN A 15 12.73 -13.13 12.32
N PRO A 16 12.51 -11.91 11.86
CA PRO A 16 11.30 -11.60 11.09
C PRO A 16 11.42 -11.87 9.61
N PHE A 17 12.59 -12.28 9.10
CA PHE A 17 12.76 -12.31 7.66
C PHE A 17 12.34 -13.61 7.03
N GLN A 18 12.51 -14.76 7.70
CA GLN A 18 12.09 -16.05 7.19
C GLN A 18 12.73 -16.35 5.84
N PHE A 19 14.01 -15.98 5.72
CA PHE A 19 14.85 -16.28 4.58
C PHE A 19 15.78 -17.42 4.98
N TYR A 20 15.73 -18.52 4.24
CA TYR A 20 16.48 -19.73 4.56
C TYR A 20 17.35 -20.14 3.37
N LEU A 21 18.39 -20.93 3.67
CA LEU A 21 19.09 -21.67 2.64
C LEU A 21 18.69 -23.13 2.69
N THR A 22 18.88 -23.82 1.56
CA THR A 22 18.64 -25.26 1.55
C THR A 22 19.78 -26.00 2.25
N ARG A 23 19.45 -27.19 2.74
CA ARG A 23 20.46 -28.07 3.32
C ARG A 23 21.52 -28.47 2.30
N VAL A 24 22.78 -28.51 2.72
CA VAL A 24 23.88 -28.95 1.86
C VAL A 24 24.52 -30.19 2.46
N SER A 25 24.52 -31.28 1.69
N SER A 25 24.51 -31.29 1.69
CA SER A 25 25.17 -32.50 2.11
CA SER A 25 25.17 -32.50 2.12
C SER A 25 26.68 -32.36 2.02
C SER A 25 26.68 -32.32 2.03
N GLY A 26 27.37 -32.45 3.15
CA GLY A 26 28.82 -32.37 3.18
C GLY A 26 29.38 -31.24 3.99
N VAL A 27 28.58 -30.30 4.47
CA VAL A 27 29.09 -29.29 5.37
C VAL A 27 28.86 -29.74 6.79
N LYS A 28 29.56 -29.11 7.74
CA LYS A 28 29.41 -29.44 9.14
C LYS A 28 27.98 -29.14 9.60
N PRO A 29 27.46 -29.91 10.57
CA PRO A 29 26.09 -29.64 11.09
C PRO A 29 25.79 -28.19 11.43
N LYS A 30 26.76 -27.42 11.92
CA LYS A 30 26.49 -26.04 12.30
C LYS A 30 26.06 -25.19 11.11
N TYR A 31 26.40 -25.61 9.90
CA TYR A 31 26.03 -24.90 8.68
C TYR A 31 24.73 -25.39 8.08
N ASN A 32 24.11 -26.42 8.65
CA ASN A 32 22.78 -26.83 8.26
C ASN A 32 21.75 -26.60 9.35
N SER A 33 22.19 -26.20 10.54
CA SER A 33 21.29 -25.82 11.61
C SER A 33 20.66 -24.48 11.26
N GLY A 34 19.39 -24.50 10.90
CA GLY A 34 18.72 -23.35 10.37
C GLY A 34 18.45 -23.43 8.88
N ALA A 35 19.00 -24.42 8.19
CA ALA A 35 18.68 -24.63 6.79
C ALA A 35 17.47 -25.55 6.66
N LEU A 36 16.90 -25.61 5.47
CA LEU A 36 15.69 -26.38 5.22
C LEU A 36 15.85 -27.30 4.02
N HIS A 37 15.46 -28.55 4.17
CA HIS A 37 15.31 -29.45 3.04
C HIS A 37 13.83 -29.47 2.63
N ILE A 38 13.58 -29.90 1.39
CA ILE A 38 12.20 -29.91 0.92
C ILE A 38 11.32 -30.80 1.81
N LYS A 39 11.89 -31.90 2.34
CA LYS A 39 11.12 -32.73 3.28
C LYS A 39 10.71 -31.95 4.53
N ASP A 40 11.55 -31.01 4.99
CA ASP A 40 11.15 -30.17 6.11
C ASP A 40 9.98 -29.26 5.74
N ILE A 41 10.03 -28.65 4.55
CA ILE A 41 8.99 -27.70 4.13
C ILE A 41 7.64 -28.38 4.04
N LEU A 42 7.60 -29.62 3.55
CA LEU A 42 6.36 -30.36 3.33
C LEU A 42 5.93 -31.17 4.56
N SER A 43 6.68 -31.11 5.65
CA SER A 43 6.41 -31.92 6.83
C SER A 43 5.07 -31.54 7.46
N PRO A 44 4.42 -32.48 8.17
N PRO A 44 4.42 -32.48 8.17
CA PRO A 44 3.17 -32.12 8.86
CA PRO A 44 3.17 -32.13 8.87
C PRO A 44 3.37 -31.09 9.96
C PRO A 44 3.37 -31.09 9.96
N LEU A 45 4.60 -30.90 10.43
CA LEU A 45 4.88 -29.84 11.40
C LEU A 45 4.55 -28.45 10.83
N PHE A 46 4.57 -28.28 9.52
N PHE A 46 4.58 -28.31 9.50
CA PHE A 46 4.25 -26.99 8.91
CA PHE A 46 4.27 -27.04 8.85
C PHE A 46 2.79 -26.87 8.49
C PHE A 46 2.78 -26.85 8.63
N GLY A 47 2.01 -27.91 8.65
CA GLY A 47 0.58 -27.86 8.38
C GLY A 47 0.06 -29.17 7.84
N THR A 48 -1.25 -29.39 7.97
CA THR A 48 -1.90 -30.61 7.49
C THR A 48 -2.34 -30.40 6.05
N LEU A 49 -1.62 -31.00 5.12
CA LEU A 49 -1.78 -30.70 3.70
C LEU A 49 -3.13 -31.19 3.17
N VAL A 50 -3.82 -30.30 2.46
CA VAL A 50 -5.02 -30.61 1.71
C VAL A 50 -4.76 -30.68 0.21
N SER A 51 -3.92 -29.78 -0.29
N SER A 51 -3.91 -29.77 -0.29
CA SER A 51 -3.53 -29.78 -1.70
CA SER A 51 -3.63 -29.65 -1.72
C SER A 51 -2.35 -28.83 -1.83
C SER A 51 -2.40 -28.76 -1.86
N SER A 52 -1.70 -28.91 -2.98
CA SER A 52 -0.52 -28.09 -3.23
C SER A 52 -0.39 -27.79 -4.71
N ALA A 53 0.27 -26.67 -5.01
CA ALA A 53 0.67 -26.33 -6.37
C ALA A 53 2.18 -26.13 -6.37
N GLN A 54 2.86 -26.78 -7.31
CA GLN A 54 4.31 -26.66 -7.47
C GLN A 54 4.60 -25.96 -8.79
N PHE A 55 5.01 -24.69 -8.71
CA PHE A 55 5.45 -23.93 -9.88
C PHE A 55 6.94 -24.18 -10.04
N ASN A 56 7.38 -24.58 -11.24
CA ASN A 56 8.81 -24.77 -11.40
C ASN A 56 9.18 -24.82 -12.88
N TYR A 57 10.48 -25.07 -13.12
CA TYR A 57 11.03 -25.22 -14.46
C TYR A 57 11.26 -26.69 -14.78
N CYS A 58 12.07 -27.36 -13.97
N CYS A 58 12.03 -27.38 -13.95
CA CYS A 58 12.38 -28.78 -14.14
CA CYS A 58 12.39 -28.78 -14.16
C CYS A 58 11.73 -29.59 -13.03
C CYS A 58 11.88 -29.64 -13.03
N PHE A 59 11.26 -30.78 -13.37
CA PHE A 59 10.61 -31.67 -12.42
C PHE A 59 11.12 -33.11 -12.57
N ASP A 60 11.40 -33.77 -11.44
CA ASP A 60 11.52 -35.23 -11.36
C ASP A 60 10.34 -35.67 -10.49
N VAL A 61 9.28 -36.18 -11.13
CA VAL A 61 8.00 -36.38 -10.44
C VAL A 61 8.09 -37.52 -9.43
N ASP A 62 8.78 -38.60 -9.78
N ASP A 62 8.80 -38.60 -9.77
CA ASP A 62 8.99 -39.68 -8.83
CA ASP A 62 8.97 -39.68 -8.80
C ASP A 62 9.70 -39.18 -7.58
C ASP A 62 9.71 -39.19 -7.56
N TRP A 63 10.79 -38.44 -7.76
CA TRP A 63 11.49 -37.85 -6.63
C TRP A 63 10.59 -36.91 -5.84
N LEU A 64 9.84 -36.05 -6.54
CA LEU A 64 9.04 -35.03 -5.85
C LEU A 64 7.98 -35.67 -4.94
N VAL A 65 7.28 -36.70 -5.42
CA VAL A 65 6.24 -37.30 -4.59
C VAL A 65 6.85 -37.92 -3.32
N LYS A 66 8.06 -38.49 -3.44
CA LYS A 66 8.76 -39.03 -2.27
C LYS A 66 9.11 -37.98 -1.22
N GLN A 67 9.15 -36.67 -1.58
CA GLN A 67 9.46 -35.64 -0.59
C GLN A 67 8.27 -35.25 0.27
N TYR A 68 7.05 -35.54 -0.18
CA TYR A 68 5.88 -35.35 0.64
C TYR A 68 5.82 -36.43 1.71
N PRO A 69 5.26 -36.12 2.89
CA PRO A 69 5.11 -37.16 3.91
C PRO A 69 4.22 -38.27 3.39
N PRO A 70 4.46 -39.52 3.81
CA PRO A 70 3.67 -40.65 3.26
C PRO A 70 2.18 -40.43 3.33
N GLU A 71 1.68 -39.88 4.44
CA GLU A 71 0.24 -39.68 4.61
C GLU A 71 -0.31 -38.58 3.71
N PHE A 72 0.55 -37.75 3.11
CA PHE A 72 0.09 -36.68 2.23
C PHE A 72 0.32 -36.96 0.74
N ARG A 73 0.87 -38.13 0.39
CA ARG A 73 1.33 -38.34 -0.98
C ARG A 73 0.20 -38.53 -1.99
N LYS A 74 -1.05 -38.67 -1.55
CA LYS A 74 -2.17 -38.81 -2.48
C LYS A 74 -3.03 -37.56 -2.53
N LYS A 75 -2.69 -36.52 -1.78
CA LYS A 75 -3.40 -35.26 -1.88
C LYS A 75 -3.14 -34.64 -3.25
N PRO A 76 -4.09 -33.86 -3.78
CA PRO A 76 -3.90 -33.29 -5.13
C PRO A 76 -2.66 -32.42 -5.21
N ILE A 77 -1.93 -32.55 -6.33
CA ILE A 77 -0.78 -31.72 -6.66
C ILE A 77 -0.98 -31.17 -8.06
N LEU A 78 -0.78 -29.87 -8.23
CA LEU A 78 -0.77 -29.25 -9.55
C LEU A 78 0.66 -28.86 -9.90
N LEU A 79 1.14 -29.31 -11.06
CA LEU A 79 2.47 -28.92 -11.55
C LEU A 79 2.30 -27.84 -12.59
N VAL A 80 2.85 -26.64 -12.33
CA VAL A 80 2.79 -25.52 -13.26
C VAL A 80 4.14 -25.41 -13.96
N HIS A 81 4.15 -25.58 -15.28
CA HIS A 81 5.38 -25.74 -16.05
C HIS A 81 5.25 -24.97 -17.36
N GLY A 82 6.34 -24.89 -18.12
CA GLY A 82 6.27 -24.22 -19.41
C GLY A 82 6.59 -25.08 -20.62
N ASP A 83 6.64 -26.40 -20.44
CA ASP A 83 7.16 -27.29 -21.47
C ASP A 83 6.22 -27.41 -22.67
N LYS A 84 6.80 -27.60 -23.86
CA LYS A 84 6.05 -27.77 -25.11
C LYS A 84 6.49 -29.05 -25.81
N ARG A 85 5.64 -29.50 -26.74
CA ARG A 85 5.97 -30.56 -27.72
C ARG A 85 6.50 -31.79 -26.98
N GLU A 86 7.69 -32.33 -27.34
CA GLU A 86 8.16 -33.58 -26.75
C GLU A 86 8.45 -33.43 -25.27
N ALA A 87 9.01 -32.29 -24.85
CA ALA A 87 9.25 -32.04 -23.43
C ALA A 87 7.94 -32.08 -22.64
N LYS A 88 6.86 -31.55 -23.23
CA LYS A 88 5.56 -31.61 -22.59
C LYS A 88 5.07 -33.05 -22.48
N ALA A 89 5.25 -33.84 -23.54
CA ALA A 89 4.86 -35.25 -23.46
C ALA A 89 5.64 -35.98 -22.38
N HIS A 90 6.95 -35.71 -22.29
CA HIS A 90 7.77 -36.38 -21.29
C HIS A 90 7.27 -36.08 -19.88
N LEU A 91 6.91 -34.83 -19.61
CA LEU A 91 6.42 -34.49 -18.28
C LEU A 91 5.08 -35.17 -17.99
N HIS A 92 4.17 -35.19 -18.96
CA HIS A 92 2.91 -35.91 -18.77
C HIS A 92 3.14 -37.40 -18.52
N ALA A 93 4.12 -37.99 -19.21
CA ALA A 93 4.44 -39.40 -18.98
C ALA A 93 4.95 -39.62 -17.56
N GLN A 94 5.74 -38.68 -17.03
CA GLN A 94 6.23 -38.82 -15.67
C GLN A 94 5.10 -38.84 -14.66
N ALA A 95 4.06 -38.04 -14.89
CA ALA A 95 3.01 -37.83 -13.91
C ALA A 95 1.86 -38.82 -14.04
N LYS A 96 1.69 -39.43 -15.21
CA LYS A 96 0.59 -40.37 -15.42
C LYS A 96 0.49 -41.45 -14.35
N PRO A 97 1.58 -42.06 -13.84
CA PRO A 97 1.41 -43.04 -12.76
C PRO A 97 0.74 -42.50 -11.51
N TYR A 98 0.67 -41.18 -11.33
CA TYR A 98 0.12 -40.56 -10.13
C TYR A 98 -1.21 -39.90 -10.50
N GLU A 99 -2.31 -40.55 -10.13
CA GLU A 99 -3.63 -40.07 -10.51
C GLU A 99 -4.01 -38.74 -9.83
N ASN A 100 -3.33 -38.38 -8.74
CA ASN A 100 -3.63 -37.15 -8.00
C ASN A 100 -2.89 -35.93 -8.52
N ILE A 101 -2.08 -36.08 -9.57
CA ILE A 101 -1.28 -34.98 -10.09
C ILE A 101 -1.93 -34.46 -11.36
N SER A 102 -2.19 -33.15 -11.41
CA SER A 102 -2.65 -32.43 -12.58
C SER A 102 -1.55 -31.48 -13.06
N LEU A 103 -1.65 -31.06 -14.32
CA LEU A 103 -0.62 -30.24 -14.93
C LEU A 103 -1.24 -29.00 -15.55
N CYS A 104 -0.48 -27.90 -15.51
CA CYS A 104 -0.90 -26.63 -16.08
C CYS A 104 0.27 -26.11 -16.91
N GLN A 105 0.08 -26.01 -18.22
CA GLN A 105 1.11 -25.52 -19.12
C GLN A 105 0.97 -24.01 -19.24
N ALA A 106 1.91 -23.28 -18.65
CA ALA A 106 1.92 -21.83 -18.71
C ALA A 106 2.20 -21.38 -20.14
N LYS A 107 1.36 -20.49 -20.67
CA LYS A 107 1.56 -20.04 -22.04
C LYS A 107 2.84 -19.23 -22.17
N LEU A 108 3.56 -19.44 -23.27
CA LEU A 108 4.81 -18.75 -23.56
C LEU A 108 4.73 -18.28 -25.01
N ASP A 109 4.04 -17.16 -25.23
CA ASP A 109 3.74 -16.65 -26.55
C ASP A 109 4.84 -15.78 -27.14
N ILE A 110 5.94 -15.58 -26.42
CA ILE A 110 7.07 -14.82 -26.95
C ILE A 110 8.25 -15.77 -27.06
N ALA A 111 8.96 -15.70 -28.19
CA ALA A 111 10.02 -16.66 -28.46
C ALA A 111 11.11 -16.57 -27.38
N PHE A 112 11.70 -17.73 -27.09
CA PHE A 112 12.84 -17.88 -26.18
C PHE A 112 12.47 -17.60 -24.74
N GLY A 113 11.19 -17.63 -24.39
CA GLY A 113 10.80 -17.50 -23.01
C GLY A 113 10.72 -18.84 -22.31
N THR A 114 10.82 -18.82 -20.99
CA THR A 114 10.74 -20.03 -20.18
C THR A 114 9.90 -19.73 -18.95
N HIS A 115 9.37 -20.80 -18.32
CA HIS A 115 8.67 -20.69 -17.04
C HIS A 115 9.66 -21.01 -15.94
N HIS A 116 10.27 -19.97 -15.37
N HIS A 116 10.23 -19.96 -15.33
CA HIS A 116 11.36 -20.16 -14.42
CA HIS A 116 11.36 -20.07 -14.43
C HIS A 116 10.90 -20.07 -12.97
C HIS A 116 10.99 -19.81 -12.96
N THR A 117 9.73 -19.46 -12.71
CA THR A 117 9.24 -19.25 -11.36
C THR A 117 9.26 -20.52 -10.52
N LYS A 118 9.76 -20.42 -9.28
CA LYS A 118 9.81 -21.52 -8.32
C LYS A 118 8.98 -21.13 -7.12
N MET A 119 7.82 -21.76 -6.97
CA MET A 119 6.89 -21.37 -5.92
C MET A 119 6.09 -22.58 -5.51
N MET A 120 5.79 -22.68 -4.21
CA MET A 120 4.84 -23.67 -3.71
C MET A 120 3.67 -22.92 -3.10
N LEU A 121 2.45 -23.33 -3.46
CA LEU A 121 1.25 -22.96 -2.71
C LEU A 121 0.82 -24.20 -1.94
N LEU A 122 0.71 -24.07 -0.62
CA LEU A 122 0.43 -25.20 0.26
C LEU A 122 -0.86 -24.89 1.01
N LEU A 123 -1.94 -25.58 0.67
CA LEU A 123 -3.23 -25.39 1.32
C LEU A 123 -3.35 -26.41 2.43
N TYR A 124 -3.60 -25.95 3.65
CA TYR A 124 -3.70 -26.83 4.81
C TYR A 124 -5.13 -26.78 5.36
N GLU A 125 -5.40 -27.71 6.29
CA GLU A 125 -6.58 -27.55 7.15
C GLU A 125 -6.52 -26.26 7.95
N GLU A 126 -5.32 -25.85 8.38
CA GLU A 126 -5.10 -24.78 9.31
C GLU A 126 -4.90 -23.43 8.64
N GLY A 127 -4.77 -23.39 7.33
CA GLY A 127 -4.50 -22.13 6.66
C GLY A 127 -3.80 -22.37 5.32
N LEU A 128 -3.07 -21.35 4.88
CA LEU A 128 -2.37 -21.39 3.60
C LEU A 128 -0.93 -20.92 3.80
N ARG A 129 0.01 -21.53 3.09
CA ARG A 129 1.39 -21.05 3.08
C ARG A 129 1.87 -20.87 1.65
N VAL A 130 2.71 -19.86 1.45
CA VAL A 130 3.34 -19.57 0.16
C VAL A 130 4.83 -19.71 0.37
N VAL A 131 5.49 -20.41 -0.56
CA VAL A 131 6.94 -20.58 -0.50
C VAL A 131 7.51 -20.14 -1.84
N ILE A 132 8.38 -19.14 -1.83
CA ILE A 132 9.03 -18.67 -3.06
C ILE A 132 10.51 -18.98 -2.92
N HIS A 133 11.07 -19.68 -3.90
CA HIS A 133 12.40 -20.25 -3.69
C HIS A 133 13.12 -20.30 -5.03
N THR A 134 14.28 -20.96 -5.07
CA THR A 134 15.15 -20.93 -6.25
C THR A 134 15.49 -22.31 -6.81
N SER A 135 15.01 -23.39 -6.20
CA SER A 135 15.41 -24.74 -6.60
C SER A 135 14.47 -25.40 -7.60
N ASN A 136 15.03 -26.09 -8.58
CA ASN A 136 14.24 -27.03 -9.38
C ASN A 136 13.81 -28.22 -8.51
N LEU A 137 12.77 -28.94 -8.96
CA LEU A 137 12.28 -30.09 -8.20
C LEU A 137 12.95 -31.39 -8.69
N ILE A 138 14.26 -31.43 -8.50
CA ILE A 138 15.11 -32.56 -8.84
C ILE A 138 16.12 -32.72 -7.71
N HIS A 139 16.62 -33.95 -7.53
CA HIS A 139 17.49 -34.26 -6.38
C HIS A 139 18.71 -33.35 -6.34
N ALA A 140 19.36 -33.12 -7.48
CA ALA A 140 20.64 -32.40 -7.47
C ALA A 140 20.47 -30.95 -7.01
N ASP A 141 19.29 -30.35 -7.20
CA ASP A 141 19.15 -28.95 -6.83
C ASP A 141 19.06 -28.76 -5.31
N TRP A 142 18.77 -29.82 -4.55
CA TRP A 142 18.63 -29.74 -3.09
C TRP A 142 19.76 -30.47 -2.38
N HIS A 143 20.78 -30.90 -3.12
CA HIS A 143 21.82 -31.75 -2.57
C HIS A 143 23.05 -30.95 -2.13
N GLN A 144 23.76 -30.33 -3.07
CA GLN A 144 24.99 -29.62 -2.73
C GLN A 144 25.07 -28.25 -3.36
N LYS A 145 23.92 -27.58 -3.53
CA LYS A 145 23.90 -26.23 -4.08
C LYS A 145 23.55 -25.20 -3.01
N THR A 146 23.95 -23.94 -3.26
CA THR A 146 23.41 -22.84 -2.46
C THR A 146 22.11 -22.39 -3.11
N GLN A 147 21.00 -22.49 -2.37
CA GLN A 147 19.66 -22.14 -2.85
C GLN A 147 18.97 -21.33 -1.76
N GLY A 148 18.03 -20.47 -2.17
CA GLY A 148 17.30 -19.61 -1.24
C GLY A 148 15.83 -19.97 -1.15
N ILE A 149 15.25 -19.74 0.03
CA ILE A 149 13.84 -20.00 0.31
C ILE A 149 13.29 -18.83 1.10
N TRP A 150 12.11 -18.32 0.72
CA TRP A 150 11.33 -17.45 1.58
C TRP A 150 10.07 -18.21 1.99
N LEU A 151 9.81 -18.26 3.29
CA LEU A 151 8.62 -18.93 3.85
C LEU A 151 7.63 -17.89 4.36
N SER A 152 6.42 -17.90 3.81
CA SER A 152 5.39 -17.03 4.31
C SER A 152 4.91 -17.50 5.69
N PRO A 153 4.27 -16.62 6.45
CA PRO A 153 3.54 -17.06 7.64
C PRO A 153 2.44 -18.04 7.26
N LEU A 154 1.93 -18.73 8.28
CA LEU A 154 0.68 -19.45 8.13
C LEU A 154 -0.45 -18.42 8.03
N TYR A 155 -1.08 -18.35 6.86
CA TYR A 155 -2.16 -17.41 6.64
C TYR A 155 -3.48 -18.06 7.05
N PRO A 156 -4.21 -17.50 8.02
CA PRO A 156 -5.49 -18.10 8.39
C PRO A 156 -6.58 -17.81 7.36
N ARG A 157 -7.59 -18.67 7.38
CA ARG A 157 -8.75 -18.48 6.53
C ARG A 157 -9.63 -17.36 7.06
N ILE A 158 -10.23 -16.59 6.17
CA ILE A 158 -11.19 -15.57 6.57
C ILE A 158 -12.53 -16.25 6.79
N ALA A 159 -13.18 -15.94 7.92
CA ALA A 159 -14.44 -16.58 8.25
C ALA A 159 -15.47 -16.33 7.16
N ASP A 160 -16.20 -17.39 6.80
CA ASP A 160 -17.29 -17.25 5.84
C ASP A 160 -18.34 -16.28 6.39
N GLY A 161 -18.64 -15.25 5.60
CA GLY A 161 -19.51 -14.17 6.01
C GLY A 161 -18.79 -12.92 6.45
N THR A 162 -17.57 -13.05 6.95
CA THR A 162 -16.75 -11.88 7.26
C THR A 162 -16.24 -11.24 5.97
N HIS A 163 -16.27 -9.92 5.92
CA HIS A 163 -15.77 -9.16 4.77
C HIS A 163 -14.56 -8.35 5.24
N LYS A 164 -13.36 -8.85 4.94
CA LYS A 164 -12.12 -8.13 5.19
C LYS A 164 -11.24 -8.32 3.96
N SER A 165 -10.29 -7.41 3.77
CA SER A 165 -9.43 -7.53 2.60
C SER A 165 -8.42 -8.66 2.76
N GLY A 166 -7.92 -8.88 3.98
CA GLY A 166 -6.80 -9.79 4.15
C GLY A 166 -5.52 -9.30 3.52
N GLU A 167 -5.40 -8.00 3.27
CA GLU A 167 -4.25 -7.45 2.55
C GLU A 167 -3.17 -6.95 3.51
N SER A 168 -1.91 -7.02 3.05
CA SER A 168 -0.77 -6.54 3.83
C SER A 168 -0.40 -5.11 3.45
N PRO A 169 0.39 -4.42 4.27
CA PRO A 169 0.89 -3.10 3.86
C PRO A 169 1.76 -3.16 2.61
N THR A 170 2.29 -4.32 2.27
CA THR A 170 3.09 -4.47 1.05
C THR A 170 2.25 -4.85 -0.16
N HIS A 171 0.93 -5.00 -0.01
CA HIS A 171 0.03 -5.33 -1.13
C HIS A 171 0.29 -6.72 -1.68
N PHE A 172 0.88 -7.60 -0.87
CA PHE A 172 1.28 -8.93 -1.34
C PHE A 172 0.09 -9.74 -1.86
N LYS A 173 -1.08 -9.66 -1.20
CA LYS A 173 -2.18 -10.53 -1.63
C LYS A 173 -2.65 -10.16 -3.03
N ALA A 174 -2.92 -8.87 -3.24
CA ALA A 174 -3.33 -8.40 -4.55
C ALA A 174 -2.25 -8.68 -5.59
N ASP A 175 -0.98 -8.51 -5.21
CA ASP A 175 0.09 -8.68 -6.19
C ASP A 175 0.28 -10.15 -6.56
N LEU A 176 0.12 -11.07 -5.60
CA LEU A 176 0.18 -12.49 -5.94
C LEU A 176 -1.00 -12.90 -6.81
N ILE A 177 -2.20 -12.40 -6.51
CA ILE A 177 -3.34 -12.69 -7.36
C ILE A 177 -3.09 -12.16 -8.77
N SER A 178 -2.55 -10.95 -8.88
N SER A 178 -2.55 -10.94 -8.89
CA SER A 178 -2.25 -10.38 -10.20
CA SER A 178 -2.26 -10.39 -10.21
C SER A 178 -1.26 -11.25 -10.97
C SER A 178 -1.27 -11.26 -10.96
N TYR A 179 -0.23 -11.75 -10.29
CA TYR A 179 0.73 -12.64 -10.93
C TYR A 179 0.05 -13.91 -11.47
N LEU A 180 -0.80 -14.53 -10.66
CA LEU A 180 -1.49 -15.75 -11.09
C LEU A 180 -2.50 -15.47 -12.21
N MET A 181 -3.16 -14.30 -12.18
N MET A 181 -3.16 -14.30 -12.17
CA MET A 181 -4.14 -13.99 -13.22
CA MET A 181 -4.13 -13.97 -13.22
C MET A 181 -3.47 -13.88 -14.59
C MET A 181 -3.47 -13.88 -14.58
N ALA A 182 -2.18 -13.52 -14.63
CA ALA A 182 -1.48 -13.35 -15.90
C ALA A 182 -1.40 -14.65 -16.69
N TYR A 183 -1.44 -15.80 -16.01
CA TYR A 183 -1.42 -17.09 -16.69
C TYR A 183 -2.70 -17.37 -17.49
N ASN A 184 -3.84 -16.83 -17.07
CA ASN A 184 -5.11 -17.06 -17.76
C ASN A 184 -5.44 -18.56 -17.81
N ALA A 185 -5.22 -19.25 -16.68
CA ALA A 185 -5.30 -20.70 -16.63
C ALA A 185 -6.40 -21.16 -15.68
N PRO A 186 -7.25 -22.11 -16.08
CA PRO A 186 -8.37 -22.50 -15.20
C PRO A 186 -7.92 -23.12 -13.90
N SER A 187 -6.87 -23.93 -13.94
CA SER A 187 -6.38 -24.57 -12.71
C SER A 187 -5.86 -23.53 -11.73
N LEU A 188 -5.38 -22.38 -12.22
CA LEU A 188 -4.90 -21.34 -11.30
C LEU A 188 -6.00 -20.39 -10.87
N LYS A 189 -7.13 -20.33 -11.59
CA LYS A 189 -8.26 -19.59 -11.04
C LYS A 189 -8.72 -20.23 -9.74
N GLU A 190 -8.62 -21.55 -9.63
CA GLU A 190 -8.96 -22.21 -8.38
C GLU A 190 -8.05 -21.74 -7.24
N TRP A 191 -6.76 -21.60 -7.51
CA TRP A 191 -5.84 -21.14 -6.47
C TRP A 191 -6.05 -19.66 -6.16
N ILE A 192 -6.44 -18.85 -7.14
CA ILE A 192 -6.78 -17.46 -6.87
C ILE A 192 -7.94 -17.39 -5.88
N ASP A 193 -8.95 -18.23 -6.07
CA ASP A 193 -10.08 -18.23 -5.16
C ASP A 193 -9.68 -18.66 -3.74
N VAL A 194 -8.74 -19.62 -3.63
CA VAL A 194 -8.21 -20.00 -2.33
C VAL A 194 -7.53 -18.80 -1.66
N ILE A 195 -6.70 -18.08 -2.41
CA ILE A 195 -5.97 -16.95 -1.83
C ILE A 195 -6.95 -15.86 -1.38
N HIS A 196 -7.98 -15.57 -2.20
CA HIS A 196 -9.00 -14.59 -1.80
C HIS A 196 -9.58 -14.94 -0.43
N LYS A 197 -9.72 -16.22 -0.14
CA LYS A 197 -10.34 -16.62 1.11
C LYS A 197 -9.39 -16.60 2.31
N HIS A 198 -8.13 -16.19 2.15
CA HIS A 198 -7.21 -16.23 3.27
C HIS A 198 -6.71 -14.83 3.62
N ASP A 199 -6.24 -14.68 4.85
CA ASP A 199 -5.76 -13.41 5.39
C ASP A 199 -4.24 -13.38 5.27
N LEU A 200 -3.72 -12.57 4.35
CA LEU A 200 -2.28 -12.45 4.14
C LEU A 200 -1.71 -11.18 4.76
N SER A 201 -2.42 -10.57 5.72
CA SER A 201 -2.06 -9.22 6.15
C SER A 201 -0.70 -9.19 6.86
N GLU A 202 -0.21 -10.31 7.36
CA GLU A 202 1.05 -10.32 8.10
C GLU A 202 2.27 -10.29 7.19
N THR A 203 2.09 -10.34 5.88
CA THR A 203 3.24 -10.42 4.97
C THR A 203 4.01 -9.10 4.97
N ASN A 204 5.34 -9.22 5.12
N ASN A 204 5.33 -9.16 5.10
CA ASN A 204 6.25 -8.09 5.23
CA ASN A 204 6.10 -7.93 5.11
C ASN A 204 7.24 -8.00 4.07
C ASN A 204 7.09 -7.83 3.95
N VAL A 205 7.02 -8.76 2.98
CA VAL A 205 7.82 -8.68 1.77
C VAL A 205 6.95 -8.17 0.62
N TYR A 206 7.61 -7.59 -0.39
CA TYR A 206 6.98 -7.21 -1.65
C TYR A 206 7.25 -8.26 -2.72
N LEU A 207 6.21 -8.58 -3.48
CA LEU A 207 6.34 -9.51 -4.61
C LEU A 207 6.91 -8.79 -5.83
N ILE A 208 7.95 -9.38 -6.44
CA ILE A 208 8.48 -8.91 -7.72
C ILE A 208 8.41 -10.04 -8.73
N GLY A 209 7.54 -9.90 -9.72
CA GLY A 209 7.34 -10.94 -10.69
C GLY A 209 7.65 -10.46 -12.09
N SER A 210 7.93 -11.42 -12.95
CA SER A 210 8.00 -11.22 -14.38
C SER A 210 6.99 -12.15 -15.03
N THR A 211 6.30 -11.66 -16.04
N THR A 211 6.27 -11.65 -16.02
CA THR A 211 5.41 -12.49 -16.85
CA THR A 211 5.39 -12.47 -16.85
C THR A 211 5.61 -12.08 -18.30
C THR A 211 5.62 -12.08 -18.30
N PRO A 212 5.41 -13.00 -19.25
CA PRO A 212 5.70 -12.68 -20.65
C PRO A 212 4.72 -11.65 -21.18
N GLY A 213 5.24 -10.69 -21.93
CA GLY A 213 4.35 -9.75 -22.59
C GLY A 213 5.07 -8.46 -22.96
N ARG A 214 4.28 -7.54 -23.47
N ARG A 214 4.27 -7.52 -23.45
CA ARG A 214 4.75 -6.21 -23.85
CA ARG A 214 4.75 -6.20 -23.86
C ARG A 214 3.87 -5.21 -23.11
C ARG A 214 3.89 -5.17 -23.15
N PHE A 215 4.46 -4.51 -22.15
CA PHE A 215 3.70 -3.69 -21.21
C PHE A 215 3.96 -2.21 -21.43
N GLN A 216 2.89 -1.45 -21.62
CA GLN A 216 3.00 -0.01 -21.74
C GLN A 216 2.01 0.66 -20.79
N GLY A 217 2.14 1.97 -20.67
CA GLY A 217 1.15 2.73 -19.93
C GLY A 217 1.10 2.30 -18.47
N SER A 218 -0.12 2.04 -17.98
CA SER A 218 -0.27 1.70 -16.57
C SER A 218 0.41 0.37 -16.23
N GLN A 219 0.53 -0.52 -17.22
CA GLN A 219 1.10 -1.84 -16.97
C GLN A 219 2.62 -1.84 -16.95
N LYS A 220 3.26 -0.74 -17.32
CA LYS A 220 4.71 -0.70 -17.44
C LYS A 220 5.41 -1.04 -16.13
N ASP A 221 4.83 -0.61 -15.00
CA ASP A 221 5.45 -0.75 -13.69
C ASP A 221 5.07 -2.06 -12.99
N ASN A 222 4.32 -2.93 -13.67
CA ASN A 222 3.81 -4.14 -13.01
C ASN A 222 4.88 -5.21 -12.84
N TRP A 223 5.87 -5.27 -13.73
CA TRP A 223 6.71 -6.46 -13.82
C TRP A 223 8.17 -6.10 -14.02
N GLY A 224 9.03 -7.07 -13.73
CA GLY A 224 10.43 -6.95 -14.14
C GLY A 224 11.17 -5.81 -13.46
N HIS A 225 12.17 -5.28 -14.17
CA HIS A 225 12.99 -4.29 -13.49
C HIS A 225 12.25 -2.97 -13.28
N PHE A 226 11.19 -2.69 -14.06
CA PHE A 226 10.38 -1.51 -13.76
C PHE A 226 9.53 -1.70 -12.50
N ARG A 227 9.11 -2.93 -12.20
CA ARG A 227 8.45 -3.20 -10.92
C ARG A 227 9.40 -2.89 -9.77
N LEU A 228 10.64 -3.36 -9.87
CA LEU A 228 11.63 -3.07 -8.83
C LEU A 228 11.84 -1.56 -8.68
N LYS A 229 11.97 -0.87 -9.81
CA LYS A 229 12.19 0.58 -9.79
C LYS A 229 11.05 1.29 -9.09
N LYS A 230 9.81 0.87 -9.37
CA LYS A 230 8.63 1.50 -8.78
C LYS A 230 8.62 1.32 -7.26
N LEU A 231 8.94 0.11 -6.79
CA LEU A 231 8.97 -0.16 -5.35
C LEU A 231 10.07 0.64 -4.65
N LEU A 232 11.24 0.75 -5.27
CA LEU A 232 12.33 1.51 -4.67
C LEU A 232 12.01 3.00 -4.65
N LYS A 233 11.34 3.50 -5.69
CA LYS A 233 10.94 4.91 -5.70
C LYS A 233 9.94 5.19 -4.58
N ASP A 234 8.99 4.29 -4.37
CA ASP A 234 7.87 4.55 -3.45
C ASP A 234 8.16 4.20 -2.01
N HIS A 235 9.06 3.24 -1.74
CA HIS A 235 9.14 2.67 -0.40
C HIS A 235 10.55 2.61 0.16
N ALA A 236 11.54 3.18 -0.53
CA ALA A 236 12.87 3.35 -0.01
C ALA A 236 13.21 4.84 -0.02
N SER A 237 14.18 5.22 0.82
CA SER A 237 14.62 6.60 0.93
C SER A 237 16.03 6.73 0.37
N SER A 238 16.29 7.84 -0.33
CA SER A 238 17.66 8.12 -0.74
C SER A 238 18.41 8.72 0.45
N MET A 239 19.67 8.37 0.57
CA MET A 239 20.54 8.84 1.63
C MET A 239 21.63 9.73 1.03
N PRO A 240 22.27 10.56 1.84
CA PRO A 240 23.42 11.30 1.32
C PRO A 240 24.53 10.35 0.91
N ASN A 241 25.22 10.70 -0.17
CA ASN A 241 26.27 9.86 -0.75
C ASN A 241 25.71 8.52 -1.22
N ALA A 242 24.45 8.52 -1.69
CA ALA A 242 23.87 7.32 -2.29
C ALA A 242 24.71 6.81 -3.45
N GLU A 243 25.38 7.71 -4.17
CA GLU A 243 26.19 7.33 -5.31
C GLU A 243 27.35 6.40 -4.93
N SER A 244 27.71 6.36 -3.66
CA SER A 244 28.75 5.47 -3.17
C SER A 244 28.24 4.11 -2.70
N TRP A 245 26.91 3.92 -2.64
CA TRP A 245 26.38 2.62 -2.23
C TRP A 245 26.34 1.71 -3.44
N PRO A 246 27.14 0.64 -3.46
CA PRO A 246 27.19 -0.22 -4.64
C PRO A 246 25.87 -0.96 -4.88
N VAL A 247 25.79 -1.55 -6.07
CA VAL A 247 24.76 -2.53 -6.44
C VAL A 247 25.45 -3.87 -6.60
N VAL A 248 24.88 -4.91 -5.99
CA VAL A 248 25.40 -6.26 -6.11
C VAL A 248 24.36 -7.13 -6.78
N GLY A 249 24.76 -7.82 -7.85
CA GLY A 249 23.92 -8.84 -8.49
C GLY A 249 24.64 -10.17 -8.49
N GLN A 250 23.91 -11.24 -8.16
CA GLN A 250 24.49 -12.57 -7.95
C GLN A 250 23.56 -13.57 -8.60
N PHE A 251 24.07 -14.37 -9.55
CA PHE A 251 23.20 -15.12 -10.46
C PHE A 251 23.90 -16.38 -10.94
N SER A 252 23.14 -17.26 -11.59
CA SER A 252 23.71 -18.52 -12.07
C SER A 252 23.70 -18.64 -13.59
N SER A 253 23.23 -17.62 -14.30
CA SER A 253 23.22 -17.64 -15.76
C SER A 253 23.26 -16.21 -16.25
N VAL A 254 23.78 -16.02 -17.46
CA VAL A 254 23.92 -14.71 -18.06
C VAL A 254 23.36 -14.79 -19.48
N GLY A 255 22.55 -13.80 -19.84
CA GLY A 255 22.01 -13.74 -21.19
C GLY A 255 22.88 -12.88 -22.06
N SER A 256 22.46 -12.73 -23.32
N SER A 256 22.45 -12.74 -23.32
CA SER A 256 23.10 -11.81 -24.25
CA SER A 256 23.08 -11.80 -24.25
C SER A 256 22.69 -10.39 -23.89
C SER A 256 22.67 -10.38 -23.87
N LEU A 257 23.64 -9.58 -23.39
CA LEU A 257 23.34 -8.24 -22.92
C LEU A 257 23.71 -7.16 -23.93
N GLY A 258 24.37 -7.50 -25.02
CA GLY A 258 24.68 -6.51 -26.03
C GLY A 258 26.18 -6.27 -26.15
N ALA A 259 26.53 -5.44 -27.14
CA ALA A 259 27.91 -5.26 -27.53
C ALA A 259 28.71 -4.42 -26.53
N ASP A 260 28.04 -3.69 -25.65
CA ASP A 260 28.71 -2.92 -24.61
C ASP A 260 27.73 -2.67 -23.47
N GLU A 261 28.26 -2.11 -22.38
CA GLU A 261 27.46 -1.94 -21.17
C GLU A 261 26.32 -0.94 -21.33
N SER A 262 26.47 0.01 -22.27
CA SER A 262 25.44 1.03 -22.45
C SER A 262 24.18 0.49 -23.13
N LYS A 263 24.23 -0.71 -23.70
CA LYS A 263 23.08 -1.23 -24.44
C LYS A 263 21.94 -1.62 -23.51
N TRP A 264 22.24 -2.19 -22.34
CA TRP A 264 21.19 -2.60 -21.41
C TRP A 264 21.66 -2.64 -19.97
N LEU A 265 22.84 -3.22 -19.73
CA LEU A 265 23.28 -3.50 -18.36
C LEU A 265 23.37 -2.22 -17.53
N CYS A 266 24.05 -1.21 -18.04
CA CYS A 266 24.30 0.01 -17.28
C CYS A 266 23.42 1.16 -17.71
N SER A 267 22.48 0.93 -18.62
CA SER A 267 21.57 1.96 -19.10
C SER A 267 20.17 1.82 -18.54
N GLU A 268 19.53 0.65 -18.63
CA GLU A 268 18.24 0.52 -18.00
C GLU A 268 18.24 -0.42 -16.79
N PHE A 269 19.01 -1.51 -16.81
CA PHE A 269 19.04 -2.42 -15.67
C PHE A 269 19.63 -1.73 -14.44
N LYS A 270 20.87 -1.24 -14.53
CA LYS A 270 21.48 -0.59 -13.38
C LYS A 270 20.69 0.63 -12.95
N GLU A 271 20.10 1.35 -13.90
CA GLU A 271 19.34 2.56 -13.56
C GLU A 271 18.14 2.22 -12.68
N SER A 272 17.43 1.13 -12.99
CA SER A 272 16.38 0.68 -12.07
C SER A 272 16.94 0.27 -10.72
N MET A 273 18.05 -0.46 -10.71
CA MET A 273 18.62 -0.96 -9.47
C MET A 273 19.16 0.14 -8.57
N LEU A 274 19.56 1.29 -9.16
N LEU A 274 19.58 1.28 -9.12
CA LEU A 274 20.09 2.42 -8.40
CA LEU A 274 20.10 2.32 -8.26
C LEU A 274 19.02 3.23 -7.70
C LEU A 274 19.04 3.32 -7.80
N THR A 275 17.76 3.09 -8.13
CA THR A 275 16.70 3.97 -7.68
C THR A 275 16.53 3.95 -6.16
N LEU A 276 16.37 5.13 -5.57
CA LEU A 276 16.05 5.26 -4.16
C LEU A 276 15.21 6.51 -3.96
N GLY A 277 13.97 6.35 -3.51
CA GLY A 277 13.16 7.50 -3.20
C GLY A 277 12.60 8.17 -4.44
N LYS A 278 11.91 9.30 -4.21
CA LYS A 278 11.07 9.92 -5.24
C LYS A 278 11.76 11.06 -5.99
N GLU A 279 12.95 11.48 -5.56
CA GLU A 279 13.64 12.58 -6.21
C GLU A 279 14.34 12.08 -7.48
N SER A 280 15.06 13.00 -8.14
CA SER A 280 15.77 12.66 -9.36
C SER A 280 17.26 12.96 -9.26
N SER A 286 26.29 7.37 -14.39
CA SER A 286 26.37 7.09 -12.96
C SER A 286 27.69 6.43 -12.56
N SER A 287 28.21 6.81 -11.39
CA SER A 287 29.44 6.27 -10.86
C SER A 287 29.21 5.24 -9.76
N VAL A 288 27.98 4.76 -9.60
CA VAL A 288 27.70 3.71 -8.59
C VAL A 288 28.46 2.45 -8.97
N PRO A 289 29.25 1.86 -8.05
CA PRO A 289 29.93 0.59 -8.37
C PRO A 289 28.94 -0.55 -8.54
N LEU A 290 29.20 -1.39 -9.54
CA LEU A 290 28.36 -2.54 -9.84
C LEU A 290 29.20 -3.81 -9.70
N TYR A 291 28.82 -4.67 -8.76
CA TYR A 291 29.51 -5.93 -8.50
C TYR A 291 28.62 -7.05 -8.99
N LEU A 292 29.14 -7.90 -9.89
CA LEU A 292 28.42 -9.08 -10.35
C LEU A 292 29.14 -10.32 -9.86
N ILE A 293 28.40 -11.21 -9.19
CA ILE A 293 28.98 -12.42 -8.60
C ILE A 293 28.55 -13.62 -9.44
N TYR A 294 29.53 -14.34 -9.99
CA TYR A 294 29.23 -15.46 -10.86
C TYR A 294 30.40 -16.44 -10.80
N PRO A 295 30.15 -17.74 -10.67
CA PRO A 295 31.25 -18.68 -10.38
C PRO A 295 32.31 -18.72 -11.49
N SER A 296 33.57 -18.65 -11.08
CA SER A 296 34.68 -18.90 -11.98
C SER A 296 34.83 -20.40 -12.26
N VAL A 297 35.65 -20.73 -13.26
CA VAL A 297 35.95 -22.14 -13.54
C VAL A 297 36.55 -22.81 -12.30
N GLU A 298 37.47 -22.12 -11.62
N GLU A 298 37.46 -22.12 -11.60
CA GLU A 298 38.07 -22.71 -10.43
CA GLU A 298 38.05 -22.74 -10.42
C GLU A 298 37.03 -22.94 -9.33
C GLU A 298 37.04 -22.92 -9.30
N ASN A 299 36.09 -21.99 -9.16
CA ASN A 299 34.98 -22.21 -8.22
C ASN A 299 34.27 -23.53 -8.51
N VAL A 300 33.99 -23.81 -9.79
CA VAL A 300 33.22 -25.00 -10.15
C VAL A 300 34.08 -26.25 -9.98
N ARG A 301 35.31 -26.20 -10.48
CA ARG A 301 36.22 -27.34 -10.40
C ARG A 301 36.38 -27.86 -8.97
N THR A 302 36.58 -26.95 -8.02
CA THR A 302 36.85 -27.34 -6.64
C THR A 302 35.58 -27.49 -5.81
N SER A 303 34.41 -27.40 -6.43
CA SER A 303 33.15 -27.47 -5.70
C SER A 303 32.84 -28.90 -5.23
N LEU A 304 31.86 -29.00 -4.33
CA LEU A 304 31.42 -30.31 -3.84
C LEU A 304 31.01 -31.22 -4.98
N GLU A 305 30.29 -30.68 -5.96
CA GLU A 305 29.86 -31.46 -7.11
C GLU A 305 30.94 -31.67 -8.15
N GLY A 306 31.94 -30.80 -8.20
CA GLY A 306 32.88 -30.79 -9.31
C GLY A 306 32.29 -30.15 -10.57
N TYR A 307 32.91 -30.47 -11.69
CA TYR A 307 32.46 -29.90 -12.96
C TYR A 307 30.96 -30.09 -13.23
N PRO A 308 30.31 -31.21 -12.82
CA PRO A 308 28.85 -31.34 -13.06
C PRO A 308 28.04 -30.19 -12.50
N ALA A 309 28.55 -29.48 -11.49
CA ALA A 309 27.86 -28.29 -11.02
C ALA A 309 27.66 -27.29 -12.16
N GLY A 310 28.57 -27.26 -13.11
CA GLY A 310 28.46 -26.36 -14.25
C GLY A 310 27.32 -26.70 -15.19
N GLY A 311 26.74 -27.90 -15.07
CA GLY A 311 25.53 -28.23 -15.80
C GLY A 311 24.38 -27.32 -15.47
N SER A 312 24.39 -26.71 -14.27
CA SER A 312 23.36 -25.79 -13.82
C SER A 312 23.85 -24.33 -13.81
N LEU A 313 24.87 -24.03 -14.59
CA LEU A 313 25.38 -22.66 -14.79
C LEU A 313 25.51 -22.48 -16.30
N PRO A 314 24.39 -22.28 -17.02
CA PRO A 314 24.39 -22.45 -18.49
C PRO A 314 24.74 -21.20 -19.28
N TYR A 315 25.98 -20.73 -19.12
CA TYR A 315 26.53 -19.62 -19.88
C TYR A 315 27.26 -20.18 -21.10
N SER A 316 26.75 -19.92 -22.30
CA SER A 316 27.31 -20.54 -23.49
C SER A 316 28.47 -19.72 -24.05
N ILE A 317 29.40 -20.41 -24.73
CA ILE A 317 30.53 -19.70 -25.31
C ILE A 317 30.08 -18.75 -26.41
N GLN A 318 29.01 -19.10 -27.15
CA GLN A 318 28.53 -18.25 -28.22
C GLN A 318 28.09 -16.89 -27.68
N THR A 319 27.38 -16.88 -26.56
CA THR A 319 26.98 -15.63 -25.93
C THR A 319 28.18 -14.90 -25.34
N ALA A 320 29.01 -15.64 -24.60
CA ALA A 320 30.10 -15.02 -23.87
C ALA A 320 31.09 -14.30 -24.79
N GLU A 321 31.41 -14.90 -25.94
CA GLU A 321 32.41 -14.29 -26.80
C GLU A 321 31.95 -12.97 -27.41
N LYS A 322 30.65 -12.69 -27.43
CA LYS A 322 30.15 -11.41 -27.92
C LYS A 322 30.14 -10.32 -26.86
N GLN A 323 30.48 -10.62 -25.61
CA GLN A 323 30.38 -9.64 -24.54
C GLN A 323 31.51 -9.82 -23.53
N ASN A 324 32.75 -9.92 -24.04
CA ASN A 324 33.88 -10.01 -23.13
C ASN A 324 33.97 -8.80 -22.20
N TRP A 325 33.43 -7.64 -22.60
CA TRP A 325 33.41 -6.47 -21.74
C TRP A 325 32.75 -6.78 -20.39
N LEU A 326 31.81 -7.72 -20.36
CA LEU A 326 31.05 -7.98 -19.14
C LEU A 326 31.92 -8.59 -18.05
N HIS A 327 32.92 -9.37 -18.44
CA HIS A 327 33.59 -10.19 -17.44
C HIS A 327 34.48 -9.37 -16.52
N SER A 328 34.80 -8.13 -16.88
N SER A 328 34.80 -8.13 -16.88
CA SER A 328 35.54 -7.26 -15.97
CA SER A 328 35.54 -7.26 -15.97
C SER A 328 34.70 -6.88 -14.76
C SER A 328 34.70 -6.85 -14.77
N TYR A 329 33.39 -7.16 -14.78
CA TYR A 329 32.53 -6.92 -13.62
C TYR A 329 32.43 -8.10 -12.68
N PHE A 330 33.01 -9.26 -13.04
CA PHE A 330 32.71 -10.52 -12.38
C PHE A 330 33.56 -10.73 -11.13
N HIS A 331 32.91 -11.23 -10.08
CA HIS A 331 33.52 -11.51 -8.78
C HIS A 331 33.26 -12.97 -8.44
N LYS A 332 34.19 -13.59 -7.72
CA LYS A 332 34.13 -15.01 -7.40
C LYS A 332 32.97 -15.32 -6.45
N TRP A 333 32.54 -16.58 -6.49
CA TRP A 333 31.63 -17.07 -5.46
C TRP A 333 32.43 -17.36 -4.19
N SER A 334 32.04 -16.72 -3.09
CA SER A 334 32.66 -16.97 -1.79
C SER A 334 31.58 -16.88 -0.73
N ALA A 335 31.52 -17.87 0.15
CA ALA A 335 30.42 -17.90 1.12
C ALA A 335 30.88 -18.55 2.43
N GLU A 336 32.04 -18.14 2.92
CA GLU A 336 32.49 -18.62 4.22
C GLU A 336 31.49 -18.30 5.33
N THR A 337 30.78 -17.17 5.20
CA THR A 337 29.79 -16.79 6.20
C THR A 337 28.74 -17.88 6.42
N SER A 338 28.38 -18.64 5.38
CA SER A 338 27.40 -19.71 5.51
C SER A 338 28.02 -21.09 5.25
N GLY A 339 29.35 -21.18 5.25
CA GLY A 339 30.01 -22.45 5.01
C GLY A 339 29.77 -23.06 3.64
N ARG A 340 29.47 -22.22 2.65
CA ARG A 340 28.98 -22.69 1.36
C ARG A 340 29.87 -22.27 0.18
N SER A 341 31.16 -21.95 0.43
CA SER A 341 32.03 -21.57 -0.70
C SER A 341 32.12 -22.67 -1.74
N ASN A 342 32.01 -23.94 -1.35
CA ASN A 342 32.10 -25.04 -2.30
C ASN A 342 30.73 -25.58 -2.71
N ALA A 343 29.65 -24.90 -2.36
CA ALA A 343 28.29 -25.29 -2.75
C ALA A 343 27.84 -24.29 -3.80
N MET A 344 27.88 -24.70 -5.07
CA MET A 344 27.72 -23.71 -6.13
C MET A 344 26.34 -23.05 -6.08
N PRO A 345 26.26 -21.77 -6.42
CA PRO A 345 25.01 -21.04 -6.27
C PRO A 345 24.05 -21.34 -7.41
N HIS A 346 22.82 -21.68 -7.04
CA HIS A 346 21.67 -21.59 -7.93
C HIS A 346 20.65 -20.57 -7.43
N ILE A 347 20.85 -20.05 -6.22
CA ILE A 347 20.14 -18.88 -5.74
C ILE A 347 20.50 -17.68 -6.64
N LYS A 348 19.58 -16.73 -6.76
CA LYS A 348 19.87 -15.44 -7.38
C LYS A 348 19.46 -14.37 -6.40
N THR A 349 20.34 -13.38 -6.20
CA THR A 349 20.08 -12.29 -5.25
C THR A 349 20.60 -10.97 -5.82
N TYR A 350 19.94 -9.89 -5.41
CA TYR A 350 20.32 -8.54 -5.76
C TYR A 350 20.19 -7.70 -4.51
N MET A 351 21.14 -6.79 -4.27
CA MET A 351 21.05 -6.00 -3.05
C MET A 351 21.82 -4.70 -3.22
N ARG A 352 21.67 -3.79 -2.24
CA ARG A 352 22.26 -2.45 -2.28
C ARG A 352 23.01 -2.19 -0.98
N PRO A 353 24.26 -2.62 -0.87
CA PRO A 353 25.02 -2.41 0.37
C PRO A 353 25.56 -0.99 0.50
N SER A 354 25.87 -0.63 1.74
CA SER A 354 26.56 0.62 2.03
C SER A 354 28.01 0.54 1.55
N PRO A 355 28.72 1.67 1.48
CA PRO A 355 30.08 1.63 0.91
C PRO A 355 31.03 0.73 1.67
N ASP A 356 30.81 0.48 2.97
CA ASP A 356 31.63 -0.44 3.74
C ASP A 356 30.97 -1.79 3.95
N PHE A 357 29.87 -2.07 3.22
CA PHE A 357 29.21 -3.37 3.22
C PHE A 357 28.69 -3.79 4.58
N SER A 358 28.52 -2.83 5.51
CA SER A 358 28.03 -3.15 6.84
C SER A 358 26.52 -3.08 6.94
N LYS A 359 25.86 -2.38 6.00
CA LYS A 359 24.42 -2.24 5.95
C LYS A 359 23.95 -2.52 4.53
N ILE A 360 22.65 -2.79 4.36
CA ILE A 360 22.06 -2.84 3.03
C ILE A 360 20.75 -2.05 3.03
N ALA A 361 20.48 -1.37 1.90
CA ALA A 361 19.24 -0.63 1.73
C ALA A 361 18.07 -1.50 1.31
N TRP A 362 18.32 -2.70 0.80
CA TRP A 362 17.29 -3.67 0.42
C TRP A 362 17.97 -4.95 -0.04
N PHE A 363 17.18 -6.01 -0.11
CA PHE A 363 17.66 -7.33 -0.54
C PHE A 363 16.54 -8.01 -1.32
N LEU A 364 16.88 -8.63 -2.45
CA LEU A 364 15.93 -9.37 -3.29
C LEU A 364 16.46 -10.77 -3.50
N VAL A 365 15.62 -11.77 -3.26
CA VAL A 365 15.90 -13.14 -3.66
C VAL A 365 14.89 -13.51 -4.74
N THR A 366 15.35 -14.17 -5.79
CA THR A 366 14.49 -14.34 -6.96
C THR A 366 14.97 -15.50 -7.82
N SER A 367 14.12 -15.90 -8.77
CA SER A 367 14.52 -16.83 -9.81
C SER A 367 15.21 -16.14 -10.98
N ALA A 368 15.17 -14.81 -11.04
CA ALA A 368 15.63 -14.07 -12.22
C ALA A 368 17.16 -14.01 -12.30
N ASN A 369 17.71 -14.54 -13.40
CA ASN A 369 19.12 -14.42 -13.73
C ASN A 369 19.40 -13.08 -14.42
N LEU A 370 20.66 -12.87 -14.81
CA LEU A 370 21.08 -11.58 -15.39
C LEU A 370 20.80 -11.64 -16.89
N SER A 371 19.55 -11.38 -17.25
CA SER A 371 19.13 -11.52 -18.64
C SER A 371 17.96 -10.58 -18.94
N LYS A 372 17.92 -10.10 -20.19
CA LYS A 372 16.78 -9.33 -20.66
C LYS A 372 15.49 -10.15 -20.66
N ALA A 373 15.60 -11.47 -20.90
CA ALA A 373 14.43 -12.33 -20.91
C ALA A 373 13.70 -12.28 -19.58
N ALA A 374 14.46 -12.28 -18.47
CA ALA A 374 13.91 -12.33 -17.12
C ALA A 374 13.49 -10.95 -16.61
N TRP A 375 14.30 -9.94 -16.88
CA TRP A 375 14.08 -8.63 -16.29
C TRP A 375 13.33 -7.66 -17.18
N GLY A 376 13.29 -7.93 -18.48
CA GLY A 376 12.63 -7.03 -19.41
C GLY A 376 13.61 -6.10 -20.11
N ALA A 377 13.27 -5.72 -21.34
CA ALA A 377 14.04 -4.76 -22.13
C ALA A 377 13.08 -3.78 -22.78
N LEU A 378 13.46 -2.50 -22.75
CA LEU A 378 12.62 -1.46 -23.31
C LEU A 378 12.56 -1.57 -24.83
N GLU A 379 11.38 -1.34 -25.37
CA GLU A 379 11.11 -1.35 -26.81
C GLU A 379 10.30 -0.11 -27.16
N LYS A 380 10.13 0.11 -28.47
CA LYS A 380 9.23 1.14 -28.99
C LYS A 380 9.55 2.51 -28.41
N ASN A 381 10.80 2.94 -28.59
CA ASN A 381 11.24 4.27 -28.18
C ASN A 381 11.01 4.48 -26.68
N GLY A 382 11.32 3.46 -25.88
CA GLY A 382 11.25 3.56 -24.44
C GLY A 382 9.86 3.49 -23.85
N THR A 383 8.84 3.15 -24.62
CA THR A 383 7.47 3.20 -24.11
C THR A 383 6.95 1.83 -23.70
N GLN A 384 7.66 0.75 -23.99
CA GLN A 384 7.11 -0.59 -23.77
C GLN A 384 8.20 -1.47 -23.17
N LEU A 385 7.85 -2.23 -22.13
CA LEU A 385 8.76 -3.19 -21.53
C LEU A 385 8.38 -4.59 -22.00
N MET A 386 9.28 -5.24 -22.72
CA MET A 386 9.03 -6.58 -23.22
C MET A 386 9.76 -7.61 -22.35
N ILE A 387 9.01 -8.57 -21.83
CA ILE A 387 9.52 -9.64 -21.01
C ILE A 387 9.20 -10.96 -21.68
N ARG A 388 10.15 -11.88 -21.68
CA ARG A 388 9.89 -13.18 -22.31
C ARG A 388 9.46 -14.26 -21.34
N SER A 389 9.78 -14.15 -20.05
CA SER A 389 9.75 -15.30 -19.18
C SER A 389 8.87 -15.03 -17.96
N TYR A 390 8.53 -16.12 -17.27
CA TYR A 390 7.98 -16.05 -15.91
C TYR A 390 9.13 -16.13 -14.91
N GLU A 391 9.14 -15.20 -13.94
CA GLU A 391 10.10 -15.17 -12.84
C GLU A 391 9.37 -14.68 -11.59
N LEU A 392 9.93 -15.02 -10.43
CA LEU A 392 9.32 -14.55 -9.19
C LEU A 392 10.34 -14.43 -8.07
N GLY A 393 10.22 -13.36 -7.30
CA GLY A 393 11.08 -13.16 -6.14
C GLY A 393 10.39 -12.31 -5.09
N VAL A 394 11.06 -12.14 -3.95
CA VAL A 394 10.53 -11.28 -2.89
C VAL A 394 11.59 -10.27 -2.49
N LEU A 395 11.13 -9.06 -2.23
CA LEU A 395 11.96 -7.91 -1.90
C LEU A 395 11.80 -7.55 -0.43
N PHE A 396 12.93 -7.48 0.27
CA PHE A 396 12.98 -7.04 1.67
C PHE A 396 13.40 -5.58 1.71
N LEU A 397 12.50 -4.70 2.20
CA LEU A 397 12.75 -3.27 2.34
C LEU A 397 12.74 -2.88 3.81
N PRO A 398 13.74 -2.12 4.27
CA PRO A 398 13.76 -1.71 5.68
C PRO A 398 12.48 -1.06 6.14
N SER A 399 11.85 -0.23 5.31
CA SER A 399 10.61 0.44 5.70
C SER A 399 9.52 -0.54 6.07
N ALA A 400 9.49 -1.72 5.45
CA ALA A 400 8.46 -2.70 5.77
C ALA A 400 8.67 -3.35 7.13
N PHE A 401 9.82 -3.11 7.76
CA PHE A 401 10.15 -3.65 9.07
C PHE A 401 10.34 -2.56 10.12
N GLY A 402 9.99 -1.32 9.78
CA GLY A 402 10.17 -0.20 10.70
C GLY A 402 11.59 0.29 10.83
N LEU A 403 12.41 0.12 9.80
CA LEU A 403 13.84 0.40 9.86
C LEU A 403 14.25 1.33 8.72
N ASP A 404 15.42 1.96 8.88
CA ASP A 404 15.96 2.78 7.79
C ASP A 404 16.93 1.99 6.91
N SER A 405 17.59 0.98 7.48
CA SER A 405 18.49 0.10 6.77
C SER A 405 18.53 -1.20 7.55
N PHE A 406 19.05 -2.24 6.90
CA PHE A 406 19.34 -3.51 7.55
C PHE A 406 20.83 -3.56 7.89
N LYS A 407 21.16 -3.94 9.11
CA LYS A 407 22.55 -4.32 9.38
C LYS A 407 22.81 -5.70 8.80
N VAL A 408 24.00 -5.90 8.22
CA VAL A 408 24.34 -7.21 7.67
C VAL A 408 24.76 -8.15 8.79
N LYS A 409 24.16 -9.34 8.81
CA LYS A 409 24.56 -10.36 9.77
C LYS A 409 25.97 -10.87 9.44
N GLN A 410 26.85 -10.89 10.44
CA GLN A 410 28.24 -11.19 10.13
C GLN A 410 28.49 -12.68 9.87
N LYS A 411 27.77 -13.54 10.57
CA LYS A 411 27.79 -14.99 10.32
C LYS A 411 26.36 -15.43 10.06
N PHE A 412 26.13 -16.07 8.92
CA PHE A 412 24.76 -16.33 8.46
C PHE A 412 23.96 -17.12 9.50
N PHE A 413 24.60 -18.08 10.15
CA PHE A 413 23.92 -18.97 11.09
C PHE A 413 24.14 -18.59 12.55
N ALA A 414 24.87 -17.51 12.83
CA ALA A 414 25.12 -17.11 14.21
C ALA A 414 23.90 -16.44 14.83
N GLY A 415 24.08 -15.72 15.93
CA GLY A 415 22.99 -15.05 16.61
C GLY A 415 22.93 -13.56 16.33
N PRO A 419 20.66 -8.87 18.06
CA PRO A 419 19.37 -8.34 17.59
C PRO A 419 18.92 -8.99 16.29
N MET A 420 17.75 -9.63 16.31
CA MET A 420 17.25 -10.37 15.16
C MET A 420 16.90 -9.48 13.96
N ALA A 421 17.13 -8.16 14.05
CA ALA A 421 16.90 -7.24 12.93
C ALA A 421 18.14 -7.05 12.06
N THR A 422 19.02 -8.05 11.99
CA THR A 422 20.16 -8.03 11.07
C THR A 422 19.90 -9.03 9.95
N PHE A 423 20.23 -8.63 8.73
CA PHE A 423 19.75 -9.45 7.64
C PHE A 423 20.80 -10.50 7.25
N PRO A 424 20.38 -11.76 7.04
CA PRO A 424 21.34 -12.83 6.77
C PRO A 424 21.75 -12.88 5.31
N VAL A 425 22.80 -12.17 4.95
CA VAL A 425 23.35 -12.26 3.58
C VAL A 425 24.12 -13.57 3.46
N PRO A 426 23.84 -14.40 2.46
CA PRO A 426 24.38 -15.76 2.45
C PRO A 426 25.78 -15.92 1.85
N TYR A 427 26.37 -14.86 1.31
CA TYR A 427 27.74 -14.93 0.80
C TYR A 427 28.56 -13.78 1.37
N ASP A 428 29.87 -13.85 1.13
CA ASP A 428 30.82 -12.95 1.77
C ASP A 428 30.82 -11.57 1.10
N LEU A 429 31.02 -10.55 1.94
CA LEU A 429 31.24 -9.18 1.50
C LEU A 429 32.55 -8.67 2.08
N PRO A 430 33.27 -7.81 1.35
CA PRO A 430 32.98 -7.39 -0.02
C PRO A 430 33.29 -8.53 -0.98
N PRO A 431 32.63 -8.56 -2.12
CA PRO A 431 32.92 -9.60 -3.12
C PRO A 431 34.33 -9.44 -3.66
N GLU A 432 34.92 -10.55 -4.09
CA GLU A 432 36.32 -10.57 -4.52
C GLU A 432 36.40 -10.66 -6.04
N LEU A 433 37.12 -9.72 -6.65
CA LEU A 433 37.28 -9.69 -8.11
C LEU A 433 37.99 -10.94 -8.62
N TYR A 434 37.58 -11.41 -9.80
CA TYR A 434 38.33 -12.47 -10.48
C TYR A 434 39.80 -12.07 -10.54
N GLY A 435 40.67 -13.05 -10.32
CA GLY A 435 42.08 -12.87 -10.59
C GLY A 435 42.36 -12.90 -12.08
N SER A 436 43.59 -12.50 -12.45
CA SER A 436 43.91 -12.37 -13.86
C SER A 436 43.82 -13.70 -14.60
N LYS A 437 44.03 -14.82 -13.90
CA LYS A 437 43.95 -16.14 -14.51
C LYS A 437 42.56 -16.77 -14.40
N ASP A 438 41.62 -16.10 -13.73
CA ASP A 438 40.28 -16.65 -13.62
C ASP A 438 39.48 -16.39 -14.89
N ARG A 439 38.54 -17.28 -15.16
CA ARG A 439 37.60 -17.18 -16.27
C ARG A 439 36.19 -17.48 -15.76
N PRO A 440 35.17 -16.88 -16.35
CA PRO A 440 33.80 -17.23 -15.96
C PRO A 440 33.50 -18.65 -16.39
N TRP A 441 32.73 -19.38 -15.57
CA TRP A 441 32.29 -20.70 -15.98
C TRP A 441 31.47 -20.60 -17.27
N ILE A 442 31.91 -21.33 -18.29
CA ILE A 442 31.21 -21.41 -19.58
C ILE A 442 30.94 -22.89 -19.85
N TRP A 443 29.66 -23.27 -19.97
CA TRP A 443 29.32 -24.66 -19.75
C TRP A 443 29.57 -25.56 -20.96
N ASN A 444 29.71 -25.01 -22.16
CA ASN A 444 29.80 -25.82 -23.38
C ASN A 444 31.17 -25.74 -24.04
N ILE A 445 32.23 -25.65 -23.24
CA ILE A 445 33.60 -25.84 -23.72
C ILE A 445 34.30 -26.79 -22.75
N PRO A 446 35.39 -27.44 -23.17
CA PRO A 446 36.04 -28.42 -22.29
C PRO A 446 37.02 -27.78 -21.33
N TYR A 447 37.14 -28.43 -20.17
CA TYR A 447 38.17 -28.12 -19.17
C TYR A 447 38.94 -29.39 -18.90
N VAL A 448 40.16 -29.46 -19.46
CA VAL A 448 40.99 -30.67 -19.44
C VAL A 448 42.34 -30.41 -18.80
N LYS A 449 42.55 -29.23 -18.19
CA LYS A 449 43.83 -28.87 -17.60
C LYS A 449 44.00 -29.49 -16.21
N ALA A 450 42.93 -29.55 -15.41
CA ALA A 450 43.01 -29.97 -14.03
C ALA A 450 41.72 -30.66 -13.64
N PRO A 451 41.77 -31.76 -12.89
CA PRO A 451 40.56 -32.51 -12.57
C PRO A 451 39.80 -31.92 -11.40
N ASP A 452 38.54 -32.35 -11.27
CA ASP A 452 37.67 -31.80 -10.24
C ASP A 452 37.74 -32.66 -8.97
N THR A 453 36.86 -32.39 -8.01
CA THR A 453 36.92 -33.07 -6.71
C THR A 453 36.55 -34.53 -6.79
N HIS A 454 36.05 -35.01 -7.93
CA HIS A 454 35.76 -36.42 -8.14
C HIS A 454 36.74 -37.08 -9.08
N GLY A 455 37.76 -36.35 -9.53
CA GLY A 455 38.79 -36.90 -10.38
C GLY A 455 38.55 -36.79 -11.87
N ASN A 456 37.59 -36.00 -12.31
CA ASN A 456 37.14 -35.97 -13.70
C ASN A 456 37.42 -34.62 -14.36
N MET A 457 37.49 -34.65 -15.69
CA MET A 457 37.52 -33.47 -16.52
C MET A 457 36.11 -33.15 -17.01
N TRP A 458 35.99 -32.12 -17.84
CA TRP A 458 34.71 -31.69 -18.38
C TRP A 458 34.83 -31.69 -19.90
N VAL A 459 34.15 -32.62 -20.55
CA VAL A 459 34.18 -32.69 -22.02
C VAL A 459 32.72 -32.66 -22.49
N PRO A 460 32.20 -31.49 -22.92
CA PRO A 460 30.81 -31.36 -23.36
C PRO A 460 30.46 -32.23 -24.58
N ASN B 15 -21.23 -3.22 12.47
CA ASN B 15 -20.56 -2.49 11.41
C ASN B 15 -19.04 -2.58 11.54
N PRO B 16 -18.35 -2.64 10.40
CA PRO B 16 -16.89 -2.42 10.39
C PRO B 16 -16.49 -0.98 10.13
N PHE B 17 -17.43 -0.11 9.76
CA PHE B 17 -17.03 1.16 9.19
C PHE B 17 -16.68 2.19 10.25
N GLN B 18 -17.25 2.07 11.45
CA GLN B 18 -16.95 2.99 12.56
C GLN B 18 -17.19 4.44 12.13
N PHE B 19 -18.26 4.65 11.38
CA PHE B 19 -18.72 5.98 10.98
C PHE B 19 -19.97 6.32 11.78
N TYR B 20 -19.92 7.41 12.54
CA TYR B 20 -20.98 7.77 13.47
C TYR B 20 -21.50 9.18 13.18
N LEU B 21 -22.72 9.45 13.61
CA LEU B 21 -23.22 10.81 13.67
C LEU B 21 -23.17 11.32 15.10
N THR B 22 -23.16 12.64 15.25
CA THR B 22 -23.22 13.19 16.60
C THR B 22 -24.66 13.13 17.11
N ARG B 23 -24.77 13.11 18.44
CA ARG B 23 -26.08 13.16 19.08
C ARG B 23 -26.79 14.48 18.75
N VAL B 24 -28.10 14.40 18.52
CA VAL B 24 -28.91 15.58 18.21
C VAL B 24 -29.98 15.71 19.28
N SER B 25 -29.98 16.84 19.98
N SER B 25 -29.97 16.85 19.98
CA SER B 25 -31.01 17.10 20.98
CA SER B 25 -31.00 17.14 20.97
C SER B 25 -32.30 17.53 20.30
C SER B 25 -32.31 17.52 20.28
N GLY B 26 -33.41 16.94 20.73
CA GLY B 26 -34.70 17.29 20.20
C GLY B 26 -35.25 16.36 19.13
N VAL B 27 -34.63 15.21 18.92
CA VAL B 27 -35.22 14.15 18.12
C VAL B 27 -35.50 12.98 19.05
N LYS B 28 -36.34 12.06 18.58
CA LYS B 28 -36.67 10.87 19.35
C LYS B 28 -35.39 10.08 19.66
N PRO B 29 -35.36 9.38 20.80
CA PRO B 29 -34.16 8.61 21.16
C PRO B 29 -33.76 7.56 20.12
N LYS B 30 -34.72 7.11 19.30
CA LYS B 30 -34.45 6.16 18.23
C LYS B 30 -33.34 6.67 17.30
N TYR B 31 -33.31 7.98 17.08
CA TYR B 31 -32.37 8.62 16.17
C TYR B 31 -31.06 9.01 16.84
N ASN B 32 -30.88 8.67 18.10
CA ASN B 32 -29.60 8.87 18.78
C ASN B 32 -29.02 7.55 19.28
N SER B 33 -29.61 6.42 18.90
CA SER B 33 -29.18 5.13 19.44
C SER B 33 -27.72 4.85 19.10
N GLY B 34 -27.36 4.98 17.83
CA GLY B 34 -25.98 4.76 17.44
C GLY B 34 -25.16 6.02 17.25
N ALA B 35 -25.57 7.14 17.86
CA ALA B 35 -24.88 8.41 17.74
C ALA B 35 -23.93 8.62 18.91
N LEU B 36 -23.00 9.56 18.74
CA LEU B 36 -21.95 9.79 19.71
C LEU B 36 -21.93 11.25 20.13
N HIS B 37 -21.89 11.49 21.43
CA HIS B 37 -21.57 12.80 21.96
C HIS B 37 -20.09 12.86 22.29
N ILE B 38 -19.54 14.07 22.31
CA ILE B 38 -18.11 14.22 22.64
C ILE B 38 -17.80 13.62 24.00
N LYS B 39 -18.75 13.69 24.94
CA LYS B 39 -18.51 13.06 26.24
C LYS B 39 -18.38 11.55 26.12
N ASP B 40 -19.08 10.94 25.15
CA ASP B 40 -18.89 9.51 24.91
C ASP B 40 -17.49 9.22 24.38
N ILE B 41 -16.98 10.07 23.49
CA ILE B 41 -15.67 9.82 22.88
C ILE B 41 -14.58 9.85 23.94
N LEU B 42 -14.70 10.73 24.92
CA LEU B 42 -13.67 10.91 25.93
C LEU B 42 -13.90 10.09 27.19
N SER B 43 -14.94 9.25 27.20
CA SER B 43 -15.27 8.40 28.34
C SER B 43 -14.11 7.46 28.70
N PRO B 44 -14.03 7.02 29.96
N PRO B 44 -14.03 7.03 29.96
CA PRO B 44 -13.03 5.99 30.30
CA PRO B 44 -13.04 6.01 30.32
C PRO B 44 -13.32 4.64 29.69
C PRO B 44 -13.32 4.65 29.69
N LEU B 45 -14.55 4.39 29.25
CA LEU B 45 -14.84 3.16 28.53
C LEU B 45 -14.04 3.06 27.23
N PHE B 46 -13.61 4.19 26.68
CA PHE B 46 -12.78 4.20 25.49
C PHE B 46 -11.29 4.02 25.79
N GLY B 47 -10.87 4.30 27.02
CA GLY B 47 -9.48 4.13 27.42
C GLY B 47 -9.10 5.07 28.54
N THR B 48 -7.95 4.79 29.16
CA THR B 48 -7.44 5.57 30.30
C THR B 48 -6.53 6.67 29.77
N LEU B 49 -7.07 7.88 29.66
CA LEU B 49 -6.41 8.95 28.92
C LEU B 49 -5.12 9.39 29.61
N VAL B 50 -4.05 9.50 28.83
CA VAL B 50 -2.76 9.99 29.30
C VAL B 50 -2.48 11.39 28.78
N SER B 51 -2.84 11.66 27.54
N SER B 51 -2.86 11.67 27.55
CA SER B 51 -2.72 13.00 26.96
CA SER B 51 -2.64 12.95 26.89
C SER B 51 -3.54 12.99 25.67
C SER B 51 -3.52 12.98 25.65
N SER B 52 -3.77 14.19 25.14
CA SER B 52 -4.60 14.33 23.96
C SER B 52 -4.19 15.55 23.15
N ALA B 53 -4.52 15.51 21.87
CA ALA B 53 -4.37 16.65 20.97
C ALA B 53 -5.70 16.91 20.29
N GLN B 54 -6.07 18.18 20.22
CA GLN B 54 -7.32 18.64 19.58
C GLN B 54 -6.97 19.58 18.44
N PHE B 55 -7.04 19.05 17.22
CA PHE B 55 -6.99 19.88 16.02
C PHE B 55 -8.39 20.39 15.76
N ASN B 56 -8.50 21.70 15.54
CA ASN B 56 -9.81 22.26 15.19
C ASN B 56 -9.64 23.66 14.67
N TYR B 57 -10.76 24.27 14.31
CA TYR B 57 -10.83 25.65 13.87
C TYR B 57 -11.28 26.57 14.99
N CYS B 58 -12.43 26.27 15.61
N CYS B 58 -12.42 26.26 15.63
CA CYS B 58 -12.99 27.04 16.71
CA CYS B 58 -12.99 27.09 16.69
C CYS B 58 -12.88 26.25 18.01
C CYS B 58 -13.06 26.32 18.00
N PHE B 59 -12.70 26.98 19.10
CA PHE B 59 -12.56 26.36 20.41
C PHE B 59 -13.33 27.17 21.45
N ASP B 60 -14.05 26.47 22.33
CA ASP B 60 -14.52 27.01 23.60
C ASP B 60 -13.82 26.19 24.68
N VAL B 61 -12.72 26.72 25.22
CA VAL B 61 -11.85 25.91 26.06
C VAL B 61 -12.55 25.53 27.36
N ASP B 62 -13.30 26.47 27.95
CA ASP B 62 -14.02 26.16 29.17
C ASP B 62 -15.04 25.04 28.92
N TRP B 63 -15.78 25.12 27.82
CA TRP B 63 -16.67 24.03 27.45
C TRP B 63 -15.90 22.74 27.16
N LEU B 64 -14.78 22.85 26.46
CA LEU B 64 -14.01 21.68 26.07
C LEU B 64 -13.56 20.88 27.29
N VAL B 65 -12.99 21.56 28.29
CA VAL B 65 -12.46 20.86 29.45
C VAL B 65 -13.57 20.11 30.18
N LYS B 66 -14.76 20.69 30.24
CA LYS B 66 -15.88 20.02 30.91
C LYS B 66 -16.32 18.76 30.18
N GLN B 67 -16.00 18.62 28.89
CA GLN B 67 -16.35 17.41 28.16
C GLN B 67 -15.45 16.24 28.52
N TYR B 68 -14.23 16.52 28.97
CA TYR B 68 -13.39 15.47 29.50
C TYR B 68 -13.95 15.00 30.84
N PRO B 69 -13.83 13.71 31.15
CA PRO B 69 -14.26 13.23 32.46
C PRO B 69 -13.43 13.89 33.55
N PRO B 70 -13.98 13.99 34.77
CA PRO B 70 -13.24 14.70 35.83
C PRO B 70 -11.85 14.12 36.08
N GLU B 71 -11.74 12.79 36.11
CA GLU B 71 -10.45 12.15 36.37
C GLU B 71 -9.39 12.55 35.34
N PHE B 72 -9.79 12.82 34.11
CA PHE B 72 -8.85 13.12 33.03
C PHE B 72 -8.69 14.62 32.78
N ARG B 73 -9.36 15.46 33.56
CA ARG B 73 -9.49 16.87 33.19
C ARG B 73 -8.20 17.66 33.36
N LYS B 74 -7.17 17.10 33.99
CA LYS B 74 -5.90 17.81 34.09
C LYS B 74 -4.76 17.11 33.37
N LYS B 75 -5.02 16.01 32.66
CA LYS B 75 -4.02 15.46 31.75
C LYS B 75 -3.70 16.48 30.66
N PRO B 76 -2.50 16.41 30.07
CA PRO B 76 -2.10 17.43 29.10
C PRO B 76 -2.99 17.43 27.86
N ILE B 77 -3.22 18.62 27.33
CA ILE B 77 -4.06 18.84 26.15
C ILE B 77 -3.36 19.81 25.24
N LEU B 78 -3.24 19.47 23.97
CA LEU B 78 -2.61 20.33 22.97
C LEU B 78 -3.67 20.80 21.99
N LEU B 79 -3.79 22.11 21.84
CA LEU B 79 -4.76 22.73 20.94
C LEU B 79 -4.02 23.15 19.67
N VAL B 80 -4.39 22.55 18.54
CA VAL B 80 -3.79 22.90 17.27
C VAL B 80 -4.77 23.77 16.50
N HIS B 81 -4.39 25.01 16.24
CA HIS B 81 -5.27 26.04 15.67
C HIS B 81 -4.52 26.83 14.61
N GLY B 82 -5.24 27.71 13.91
CA GLY B 82 -4.64 28.54 12.89
C GLY B 82 -4.78 30.04 13.13
N ASP B 83 -5.11 30.42 14.36
CA ASP B 83 -5.46 31.81 14.65
C ASP B 83 -4.24 32.71 14.71
N LYS B 84 -4.41 33.96 14.29
CA LYS B 84 -3.34 34.96 14.30
C LYS B 84 -3.81 36.21 15.03
N ARG B 85 -2.84 36.99 15.53
CA ARG B 85 -3.03 38.35 16.04
C ARG B 85 -3.94 38.32 17.27
N GLU B 86 -5.02 39.11 17.32
CA GLU B 86 -5.81 39.13 18.55
C GLU B 86 -6.63 37.85 18.72
N ALA B 87 -7.09 37.25 17.61
CA ALA B 87 -7.71 35.93 17.69
C ALA B 87 -6.78 34.94 18.39
N LYS B 88 -5.52 34.91 17.96
CA LYS B 88 -4.50 34.14 18.67
C LYS B 88 -4.46 34.52 20.15
N ALA B 89 -4.43 35.83 20.43
CA ALA B 89 -4.40 36.29 21.82
C ALA B 89 -5.64 35.84 22.59
N HIS B 90 -6.82 35.99 21.98
CA HIS B 90 -8.05 35.56 22.64
C HIS B 90 -7.99 34.09 23.00
N LEU B 91 -7.49 33.24 22.08
CA LEU B 91 -7.43 31.81 22.37
C LEU B 91 -6.48 31.51 23.52
N HIS B 92 -5.30 32.14 23.53
CA HIS B 92 -4.39 31.99 24.66
C HIS B 92 -5.05 32.42 25.97
N ALA B 93 -5.86 33.48 25.92
CA ALA B 93 -6.58 33.93 27.11
C ALA B 93 -7.49 32.85 27.66
N GLN B 94 -8.22 32.15 26.78
CA GLN B 94 -9.09 31.06 27.23
C GLN B 94 -8.30 29.94 27.90
N ALA B 95 -7.10 29.65 27.39
CA ALA B 95 -6.34 28.51 27.88
C ALA B 95 -5.63 28.80 29.20
N LYS B 96 -5.33 30.08 29.47
CA LYS B 96 -4.57 30.46 30.66
C LYS B 96 -5.03 29.79 31.94
N PRO B 97 -6.32 29.78 32.30
CA PRO B 97 -6.73 29.15 33.57
C PRO B 97 -6.34 27.68 33.71
N TYR B 98 -6.02 26.98 32.61
CA TYR B 98 -5.71 25.55 32.65
C TYR B 98 -4.23 25.36 32.33
N GLU B 99 -3.45 25.00 33.34
CA GLU B 99 -2.00 24.89 33.20
C GLU B 99 -1.58 23.67 32.38
N ASN B 100 -2.51 22.79 32.04
CA ASN B 100 -2.22 21.59 31.26
C ASN B 100 -2.50 21.75 29.78
N ILE B 101 -2.83 22.95 29.31
CA ILE B 101 -3.25 23.17 27.94
C ILE B 101 -2.15 23.93 27.23
N SER B 102 -1.54 23.29 26.24
CA SER B 102 -0.54 23.92 25.38
C SER B 102 -1.17 24.20 24.02
N LEU B 103 -0.62 25.17 23.31
CA LEU B 103 -1.15 25.63 22.04
C LEU B 103 -0.10 25.46 20.95
N CYS B 104 -0.58 25.15 19.74
CA CYS B 104 0.25 25.02 18.54
C CYS B 104 -0.42 25.81 17.42
N GLN B 105 0.23 26.87 16.96
CA GLN B 105 -0.32 27.71 15.91
C GLN B 105 0.16 27.20 14.56
N ALA B 106 -0.74 26.56 13.82
CA ALA B 106 -0.39 26.04 12.51
C ALA B 106 -0.09 27.18 11.56
N LYS B 107 1.03 27.08 10.84
CA LYS B 107 1.43 28.16 9.95
C LYS B 107 0.50 28.22 8.75
N LEU B 108 0.11 29.45 8.40
CA LEU B 108 -0.76 29.73 7.25
C LEU B 108 -0.09 30.82 6.44
N ASP B 109 0.84 30.43 5.58
CA ASP B 109 1.63 31.42 4.86
C ASP B 109 1.07 31.76 3.50
N ILE B 110 0.02 31.07 3.05
CA ILE B 110 -0.71 31.45 1.86
C ILE B 110 -1.93 32.25 2.31
N ALA B 111 -2.22 33.33 1.59
CA ALA B 111 -3.32 34.21 1.97
C ALA B 111 -4.65 33.48 1.92
N PHE B 112 -5.57 33.91 2.80
CA PHE B 112 -6.96 33.44 2.82
C PHE B 112 -7.05 31.94 3.16
N GLY B 113 -6.08 31.43 3.90
CA GLY B 113 -6.08 30.03 4.31
C GLY B 113 -6.50 29.89 5.77
N THR B 114 -7.08 28.73 6.09
N THR B 114 -7.05 28.71 6.09
CA THR B 114 -7.55 28.45 7.43
CA THR B 114 -7.58 28.45 7.42
C THR B 114 -7.06 27.08 7.87
C THR B 114 -7.21 27.04 7.86
N HIS B 115 -7.13 26.86 9.17
CA HIS B 115 -6.87 25.53 9.74
C HIS B 115 -8.23 24.90 10.04
N HIS B 116 -8.76 24.16 9.07
N HIS B 116 -8.75 24.14 9.08
CA HIS B 116 -10.09 23.57 9.18
CA HIS B 116 -10.08 23.57 9.17
C HIS B 116 -10.09 22.16 9.76
C HIS B 116 -10.11 22.12 9.61
N THR B 117 -8.95 21.48 9.74
CA THR B 117 -8.87 20.08 10.16
C THR B 117 -9.44 19.85 11.56
N LYS B 118 -10.30 18.84 11.68
CA LYS B 118 -10.92 18.46 12.94
C LYS B 118 -10.51 17.04 13.28
N MET B 119 -9.63 16.90 14.27
CA MET B 119 -9.05 15.62 14.60
C MET B 119 -8.73 15.59 16.09
N MET B 120 -8.93 14.44 16.71
CA MET B 120 -8.45 14.15 18.04
C MET B 120 -7.41 13.04 17.98
N LEU B 121 -6.26 13.26 18.64
CA LEU B 121 -5.32 12.20 18.95
C LEU B 121 -5.44 11.91 20.43
N LEU B 122 -5.73 10.65 20.78
CA LEU B 122 -6.03 10.27 22.16
C LEU B 122 -5.06 9.19 22.60
N LEU B 123 -4.13 9.54 23.48
CA LEU B 123 -3.15 8.60 23.99
C LEU B 123 -3.64 8.01 25.30
N TYR B 124 -3.72 6.68 25.36
CA TYR B 124 -4.19 5.93 26.52
C TYR B 124 -3.06 5.11 27.13
N GLU B 125 -3.32 4.60 28.34
CA GLU B 125 -2.46 3.56 28.90
C GLU B 125 -2.48 2.31 28.04
N GLU B 126 -3.62 2.04 27.39
CA GLU B 126 -3.83 0.83 26.62
C GLU B 126 -3.45 0.96 25.15
N GLY B 127 -3.19 2.16 24.67
CA GLY B 127 -2.91 2.30 23.25
C GLY B 127 -3.19 3.72 22.77
N LEU B 128 -3.51 3.83 21.48
CA LEU B 128 -3.70 5.11 20.84
C LEU B 128 -4.99 5.06 20.01
N ARG B 129 -5.73 6.17 19.98
CA ARG B 129 -6.91 6.31 19.15
C ARG B 129 -6.88 7.62 18.38
N VAL B 130 -7.36 7.58 17.14
CA VAL B 130 -7.44 8.74 16.26
C VAL B 130 -8.90 8.96 15.93
N VAL B 131 -9.38 10.19 16.08
CA VAL B 131 -10.76 10.57 15.76
C VAL B 131 -10.71 11.65 14.71
N ILE B 132 -11.35 11.43 13.56
CA ILE B 132 -11.41 12.43 12.51
C ILE B 132 -12.87 12.77 12.29
N HIS B 133 -13.22 14.04 12.43
CA HIS B 133 -14.62 14.38 12.55
C HIS B 133 -14.85 15.73 11.92
N THR B 134 -16.05 16.30 12.12
CA THR B 134 -16.42 17.50 11.41
C THR B 134 -16.87 18.64 12.31
N SER B 135 -16.81 18.48 13.63
CA SER B 135 -17.39 19.43 14.58
C SER B 135 -16.37 20.39 15.18
N ASN B 136 -16.74 21.67 15.25
CA ASN B 136 -15.97 22.59 16.07
C ASN B 136 -16.12 22.25 17.55
N LEU B 137 -15.16 22.70 18.37
CA LEU B 137 -15.18 22.37 19.78
C LEU B 137 -15.92 23.47 20.55
N ILE B 138 -17.21 23.59 20.22
CA ILE B 138 -18.13 24.53 20.86
C ILE B 138 -19.46 23.81 21.06
N HIS B 139 -20.25 24.31 21.99
CA HIS B 139 -21.49 23.62 22.35
C HIS B 139 -22.41 23.49 21.13
N ALA B 140 -22.55 24.56 20.35
CA ALA B 140 -23.54 24.57 19.28
C ALA B 140 -23.25 23.52 18.21
N ASP B 141 -21.99 23.12 18.06
CA ASP B 141 -21.72 22.18 16.98
C ASP B 141 -22.06 20.74 17.33
N TRP B 142 -22.33 20.44 18.60
CA TRP B 142 -22.67 19.11 19.04
C TRP B 142 -24.12 19.03 19.53
N HIS B 143 -24.91 20.07 19.30
CA HIS B 143 -26.25 20.18 19.89
C HIS B 143 -27.32 19.73 18.91
N GLN B 144 -27.54 20.49 17.84
CA GLN B 144 -28.62 20.18 16.91
C GLN B 144 -28.16 20.18 15.45
N LYS B 145 -26.91 19.79 15.18
CA LYS B 145 -26.42 19.72 13.80
C LYS B 145 -26.16 18.28 13.41
N THR B 146 -26.20 18.02 12.11
CA THR B 146 -25.71 16.76 11.56
C THR B 146 -24.20 16.88 11.37
N GLN B 147 -23.46 16.07 12.12
CA GLN B 147 -22.01 16.02 12.09
C GLN B 147 -21.57 14.58 11.95
N GLY B 148 -20.38 14.38 11.40
CA GLY B 148 -19.84 13.04 11.18
C GLY B 148 -18.55 12.81 11.93
N ILE B 149 -18.32 11.54 12.31
CA ILE B 149 -17.19 11.10 13.11
C ILE B 149 -16.68 9.76 12.58
N TRP B 150 -15.37 9.64 12.38
CA TRP B 150 -14.73 8.34 12.21
C TRP B 150 -13.88 8.02 13.45
N LEU B 151 -14.09 6.85 14.03
CA LEU B 151 -13.32 6.37 15.17
C LEU B 151 -12.36 5.29 14.73
N SER B 152 -11.07 5.49 15.00
CA SER B 152 -10.09 4.45 14.72
C SER B 152 -10.25 3.30 15.72
N PRO B 153 -9.73 2.12 15.40
CA PRO B 153 -9.59 1.09 16.44
C PRO B 153 -8.65 1.58 17.53
N LEU B 154 -8.65 0.85 18.65
CA LEU B 154 -7.61 1.04 19.65
C LEU B 154 -6.32 0.44 19.12
N TYR B 155 -5.35 1.31 18.88
CA TYR B 155 -4.07 0.89 18.32
C TYR B 155 -3.13 0.49 19.46
N PRO B 156 -2.67 -0.75 19.52
CA PRO B 156 -1.77 -1.14 20.60
C PRO B 156 -0.35 -0.61 20.39
N ARG B 157 0.40 -0.58 21.48
CA ARG B 157 1.79 -0.18 21.37
C ARG B 157 2.61 -1.32 20.79
N ILE B 158 3.63 -0.98 20.02
CA ILE B 158 4.57 -1.98 19.54
C ILE B 158 5.54 -2.30 20.68
N ALA B 159 5.76 -3.59 20.93
CA ALA B 159 6.64 -4.00 22.01
C ALA B 159 8.03 -3.36 21.85
N ASP B 160 8.51 -2.73 22.91
CA ASP B 160 9.86 -2.19 22.88
C ASP B 160 10.86 -3.32 22.67
N GLY B 161 11.75 -3.15 21.69
CA GLY B 161 12.61 -4.21 21.22
C GLY B 161 12.12 -4.91 19.98
N THR B 162 10.85 -4.74 19.62
CA THR B 162 10.28 -5.32 18.41
C THR B 162 10.41 -4.31 17.26
N HIS B 163 10.85 -4.80 16.10
CA HIS B 163 10.95 -3.99 14.89
C HIS B 163 9.86 -4.44 13.92
N LYS B 164 8.79 -3.67 13.83
CA LYS B 164 7.75 -3.88 12.83
C LYS B 164 7.23 -2.53 12.39
N SER B 165 6.56 -2.50 11.23
CA SER B 165 6.15 -1.22 10.68
C SER B 165 4.89 -0.67 11.37
N GLY B 166 4.02 -1.56 11.84
CA GLY B 166 2.73 -1.11 12.30
C GLY B 166 1.88 -0.49 11.23
N GLU B 167 2.15 -0.78 9.96
CA GLU B 167 1.47 -0.12 8.86
C GLU B 167 0.27 -0.94 8.37
N SER B 168 -0.75 -0.23 7.86
N SER B 168 -0.75 -0.23 7.85
CA SER B 168 -1.95 -0.87 7.32
CA SER B 168 -1.97 -0.82 7.32
C SER B 168 -1.87 -0.98 5.80
C SER B 168 -1.87 -0.96 5.80
N PRO B 169 -2.69 -1.84 5.20
CA PRO B 169 -2.74 -1.88 3.72
C PRO B 169 -3.14 -0.57 3.09
N THR B 170 -3.76 0.36 3.84
CA THR B 170 -4.13 1.65 3.27
C THR B 170 -3.06 2.72 3.49
N HIS B 171 -1.92 2.35 4.11
CA HIS B 171 -0.79 3.25 4.34
C HIS B 171 -1.15 4.39 5.29
N PHE B 172 -2.15 4.16 6.14
CA PHE B 172 -2.66 5.22 7.01
C PHE B 172 -1.59 5.76 7.95
N LYS B 173 -0.77 4.88 8.55
CA LYS B 173 0.22 5.34 9.52
C LYS B 173 1.21 6.30 8.88
N ALA B 174 1.81 5.91 7.75
CA ALA B 174 2.72 6.83 7.07
C ALA B 174 2.00 8.09 6.58
N ASP B 175 0.75 7.96 6.11
CA ASP B 175 0.06 9.14 5.58
C ASP B 175 -0.31 10.13 6.69
N LEU B 176 -0.66 9.61 7.88
CA LEU B 176 -0.93 10.48 9.02
C LEU B 176 0.35 11.18 9.48
N ILE B 177 1.46 10.43 9.56
CA ILE B 177 2.72 11.05 9.94
C ILE B 177 3.11 12.13 8.94
N SER B 178 2.94 11.84 7.65
N SER B 178 2.95 11.84 7.65
CA SER B 178 3.24 12.84 6.62
CA SER B 178 3.22 12.83 6.61
C SER B 178 2.37 14.09 6.79
C SER B 178 2.37 14.08 6.77
N TYR B 179 1.09 13.89 7.12
CA TYR B 179 0.21 15.04 7.30
C TYR B 179 0.70 15.91 8.46
N LEU B 180 1.08 15.29 9.57
CA LEU B 180 1.57 16.03 10.72
C LEU B 180 2.93 16.65 10.46
N MET B 181 3.75 15.99 9.64
N MET B 181 3.75 15.99 9.64
CA MET B 181 5.08 16.54 9.35
CA MET B 181 5.08 16.53 9.34
C MET B 181 4.98 17.88 8.63
C MET B 181 4.99 17.87 8.62
N ALA B 182 3.95 18.05 7.81
CA ALA B 182 3.78 19.29 7.05
C ALA B 182 3.58 20.51 7.94
N TYR B 183 3.19 20.32 9.20
CA TYR B 183 3.06 21.45 10.12
C TYR B 183 4.43 22.03 10.46
N ASN B 184 5.46 21.19 10.44
CA ASN B 184 6.81 21.61 10.83
C ASN B 184 6.80 22.23 12.23
N ALA B 185 6.11 21.58 13.16
CA ALA B 185 5.87 22.15 14.47
C ALA B 185 6.44 21.24 15.56
N PRO B 186 7.20 21.79 16.51
CA PRO B 186 7.81 20.94 17.55
C PRO B 186 6.81 20.15 18.38
N SER B 187 5.65 20.74 18.70
CA SER B 187 4.71 20.02 19.54
C SER B 187 4.12 18.81 18.82
N LEU B 188 4.07 18.87 17.49
CA LEU B 188 3.53 17.76 16.71
C LEU B 188 4.58 16.70 16.39
N LYS B 189 5.86 17.07 16.39
CA LYS B 189 6.87 16.02 16.28
C LYS B 189 6.79 15.06 17.45
N GLU B 190 6.41 15.53 18.64
CA GLU B 190 6.22 14.62 19.75
C GLU B 190 5.08 13.65 19.49
N TRP B 191 4.01 14.10 18.82
CA TRP B 191 2.91 13.19 18.51
C TRP B 191 3.28 12.24 17.37
N ILE B 192 4.10 12.69 16.43
CA ILE B 192 4.64 11.80 15.40
C ILE B 192 5.42 10.66 16.04
N ASP B 193 6.23 10.96 17.05
CA ASP B 193 6.97 9.91 17.74
C ASP B 193 6.03 8.94 18.46
N VAL B 194 4.91 9.43 19.00
CA VAL B 194 3.93 8.53 19.62
C VAL B 194 3.34 7.60 18.56
N ILE B 195 2.96 8.15 17.42
CA ILE B 195 2.37 7.33 16.38
C ILE B 195 3.36 6.26 15.88
N HIS B 196 4.62 6.65 15.69
CA HIS B 196 5.64 5.67 15.31
C HIS B 196 5.64 4.45 16.22
N LYS B 197 5.35 4.65 17.51
CA LYS B 197 5.44 3.56 18.49
C LYS B 197 4.20 2.67 18.54
N HIS B 198 3.16 2.98 17.79
CA HIS B 198 1.93 2.19 17.83
C HIS B 198 1.69 1.44 16.53
N ASP B 199 0.89 0.37 16.65
CA ASP B 199 0.52 -0.53 15.55
C ASP B 199 -0.82 -0.07 14.97
N LEU B 200 -0.78 0.53 13.78
CA LEU B 200 -1.99 1.01 13.13
C LEU B 200 -2.45 0.10 11.99
N SER B 201 -2.00 -1.15 12.00
CA SER B 201 -2.19 -2.05 10.85
C SER B 201 -3.65 -2.43 10.63
N GLU B 202 -4.52 -2.31 11.64
CA GLU B 202 -5.92 -2.65 11.45
C GLU B 202 -6.71 -1.58 10.69
N THR B 203 -6.10 -0.44 10.36
CA THR B 203 -6.85 0.66 9.77
C THR B 203 -7.30 0.34 8.35
N ASN B 204 -8.59 0.50 8.08
CA ASN B 204 -9.14 0.14 6.78
C ASN B 204 -9.59 1.36 5.97
N VAL B 205 -9.26 2.57 6.39
CA VAL B 205 -9.60 3.76 5.63
C VAL B 205 -8.31 4.40 5.12
N TYR B 206 -8.48 5.21 4.07
CA TYR B 206 -7.40 6.02 3.49
C TYR B 206 -7.51 7.45 3.99
N LEU B 207 -6.38 8.04 4.34
CA LEU B 207 -6.34 9.44 4.78
C LEU B 207 -6.30 10.37 3.57
N ILE B 208 -7.15 11.38 3.57
CA ILE B 208 -7.11 12.40 2.52
C ILE B 208 -6.95 13.74 3.21
N GLY B 209 -5.75 14.30 3.14
CA GLY B 209 -5.47 15.58 3.76
C GLY B 209 -5.23 16.71 2.78
N SER B 210 -5.42 17.94 3.25
CA SER B 210 -4.97 19.13 2.56
C SER B 210 -4.02 19.86 3.49
N THR B 211 -2.98 20.47 2.93
N THR B 211 -2.96 20.43 2.93
CA THR B 211 -2.04 21.30 3.67
CA THR B 211 -2.03 21.29 3.68
C THR B 211 -1.65 22.46 2.76
C THR B 211 -1.67 22.46 2.77
N PRO B 212 -1.37 23.63 3.33
CA PRO B 212 -1.10 24.79 2.48
C PRO B 212 0.21 24.65 1.74
N GLY B 213 0.22 25.11 0.50
CA GLY B 213 1.45 25.14 -0.25
C GLY B 213 1.18 25.11 -1.75
N ARG B 214 2.28 25.00 -2.50
N ARG B 214 2.28 25.01 -2.51
CA ARG B 214 2.25 24.92 -3.96
CA ARG B 214 2.23 24.91 -3.96
C ARG B 214 3.05 23.69 -4.36
C ARG B 214 3.04 23.69 -4.35
N PHE B 215 2.35 22.64 -4.78
CA PHE B 215 2.96 21.33 -4.99
C PHE B 215 3.08 21.00 -6.47
N GLN B 216 4.25 20.47 -6.84
CA GLN B 216 4.53 20.10 -8.22
C GLN B 216 5.23 18.75 -8.23
N GLY B 217 5.27 18.14 -9.41
CA GLY B 217 5.98 16.87 -9.57
C GLY B 217 5.37 15.77 -8.71
N SER B 218 6.25 15.03 -8.03
CA SER B 218 5.80 13.95 -7.17
C SER B 218 4.80 14.45 -6.13
N GLN B 219 5.15 15.54 -5.43
CA GLN B 219 4.34 16.04 -4.33
C GLN B 219 2.92 16.43 -4.75
N LYS B 220 2.64 16.55 -6.05
CA LYS B 220 1.32 17.00 -6.49
C LYS B 220 0.22 16.03 -6.07
N ASP B 221 0.51 14.74 -6.00
CA ASP B 221 -0.48 13.72 -5.67
C ASP B 221 -0.70 13.57 -4.17
N ASN B 222 -0.05 14.40 -3.34
CA ASN B 222 -0.05 14.15 -1.91
C ASN B 222 -1.32 14.65 -1.23
N TRP B 223 -1.97 15.68 -1.79
CA TRP B 223 -2.99 16.43 -1.05
C TRP B 223 -4.18 16.78 -1.93
N GLY B 224 -5.28 17.17 -1.28
CA GLY B 224 -6.38 17.75 -2.02
C GLY B 224 -6.99 16.81 -3.04
N HIS B 225 -7.51 17.39 -4.12
CA HIS B 225 -8.27 16.54 -5.00
C HIS B 225 -7.38 15.68 -5.88
N PHE B 226 -6.07 16.00 -5.98
CA PHE B 226 -5.15 15.08 -6.64
C PHE B 226 -4.86 13.85 -5.77
N ARG B 227 -4.90 13.99 -4.45
CA ARG B 227 -4.78 12.84 -3.57
C ARG B 227 -5.96 11.89 -3.77
N LEU B 228 -7.18 12.44 -3.79
CA LEU B 228 -8.34 11.60 -4.07
C LEU B 228 -8.21 10.92 -5.43
N LYS B 229 -7.85 11.68 -6.47
CA LYS B 229 -7.72 11.11 -7.80
C LYS B 229 -6.74 9.94 -7.82
N LYS B 230 -5.61 10.09 -7.14
CA LYS B 230 -4.59 9.04 -7.11
C LYS B 230 -5.14 7.79 -6.41
N LEU B 231 -5.84 7.97 -5.28
CA LEU B 231 -6.38 6.81 -4.56
C LEU B 231 -7.43 6.09 -5.39
N LEU B 232 -8.28 6.84 -6.09
CA LEU B 232 -9.31 6.23 -6.91
C LEU B 232 -8.70 5.49 -8.10
N LYS B 233 -7.64 6.05 -8.67
CA LYS B 233 -6.95 5.39 -9.77
C LYS B 233 -6.31 4.08 -9.31
N ASP B 234 -5.65 4.10 -8.15
CA ASP B 234 -4.88 2.94 -7.71
C ASP B 234 -5.72 1.87 -7.01
N HIS B 235 -6.85 2.25 -6.38
CA HIS B 235 -7.52 1.34 -5.47
C HIS B 235 -9.02 1.20 -5.72
N ALA B 236 -9.54 1.79 -6.78
CA ALA B 236 -10.89 1.53 -7.22
C ALA B 236 -10.86 0.98 -8.64
N SER B 237 -11.96 0.36 -9.06
CA SER B 237 -12.05 -0.20 -10.40
C SER B 237 -13.24 0.40 -11.14
N SER B 238 -13.06 0.60 -12.45
CA SER B 238 -14.10 1.18 -13.28
C SER B 238 -15.05 0.07 -13.74
N MET B 239 -16.34 0.26 -13.49
CA MET B 239 -17.36 -0.71 -13.87
C MET B 239 -17.92 -0.35 -15.24
N PRO B 240 -18.68 -1.26 -15.86
CA PRO B 240 -19.36 -0.91 -17.11
C PRO B 240 -20.34 0.23 -16.88
N ASN B 241 -20.46 1.11 -17.87
CA ASN B 241 -21.40 2.23 -17.80
C ASN B 241 -21.09 3.13 -16.59
N ALA B 242 -19.80 3.35 -16.34
CA ALA B 242 -19.40 4.19 -15.22
C ALA B 242 -19.91 5.62 -15.38
N GLU B 243 -20.07 6.09 -16.62
CA GLU B 243 -20.49 7.47 -16.85
C GLU B 243 -21.93 7.74 -16.40
N SER B 244 -22.65 6.71 -15.97
CA SER B 244 -23.97 6.87 -15.39
C SER B 244 -23.95 6.88 -13.88
N TRP B 245 -22.81 6.58 -13.24
CA TRP B 245 -22.70 6.65 -11.79
C TRP B 245 -22.48 8.11 -11.42
N PRO B 246 -23.44 8.75 -10.75
CA PRO B 246 -23.29 10.17 -10.43
C PRO B 246 -22.20 10.39 -9.39
N VAL B 247 -21.80 11.65 -9.26
CA VAL B 247 -20.96 12.15 -8.18
C VAL B 247 -21.85 13.00 -7.29
N VAL B 248 -21.79 12.77 -5.99
CA VAL B 248 -22.54 13.54 -5.01
C VAL B 248 -21.56 14.27 -4.10
N GLY B 249 -21.76 15.57 -3.94
CA GLY B 249 -20.99 16.35 -2.97
C GLY B 249 -21.95 17.08 -2.06
N GLN B 250 -21.62 17.10 -0.77
CA GLN B 250 -22.51 17.58 0.29
C GLN B 250 -21.70 18.41 1.26
N PHE B 251 -22.06 19.69 1.46
CA PHE B 251 -21.14 20.61 2.11
C PHE B 251 -21.91 21.69 2.83
N SER B 252 -21.19 22.45 3.68
CA SER B 252 -21.81 23.51 4.46
C SER B 252 -21.35 24.90 4.07
N SER B 253 -20.45 25.01 3.10
N SER B 253 -20.48 25.02 3.08
CA SER B 253 -19.94 26.30 2.61
CA SER B 253 -20.12 26.34 2.56
C SER B 253 -19.54 26.15 1.15
C SER B 253 -19.51 26.18 1.18
N VAL B 254 -19.53 27.27 0.42
CA VAL B 254 -19.04 27.29 -0.95
C VAL B 254 -18.10 28.47 -1.12
N GLY B 255 -16.95 28.22 -1.76
CA GLY B 255 -16.05 29.29 -2.14
C GLY B 255 -16.38 29.85 -3.52
N SER B 256 -15.53 30.79 -3.97
CA SER B 256 -15.68 31.36 -5.30
C SER B 256 -15.09 30.40 -6.32
N LEU B 257 -15.95 29.82 -7.17
CA LEU B 257 -15.55 28.76 -8.08
C LEU B 257 -15.21 29.26 -9.48
N GLY B 258 -15.52 30.51 -9.81
CA GLY B 258 -15.18 31.09 -11.09
C GLY B 258 -16.41 31.53 -11.87
N ALA B 259 -16.15 32.01 -13.08
CA ALA B 259 -17.19 32.63 -13.89
C ALA B 259 -18.17 31.62 -14.45
N ASP B 260 -17.74 30.38 -14.68
CA ASP B 260 -18.64 29.31 -15.09
C ASP B 260 -18.05 27.97 -14.65
N GLU B 261 -18.75 26.88 -14.99
CA GLU B 261 -18.38 25.57 -14.47
C GLU B 261 -17.07 25.06 -15.06
N SER B 262 -16.68 25.52 -16.25
CA SER B 262 -15.44 25.07 -16.89
C SER B 262 -14.20 25.58 -16.19
N LYS B 263 -14.33 26.56 -15.29
CA LYS B 263 -13.16 27.18 -14.69
C LYS B 263 -12.48 26.26 -13.67
N TRP B 264 -13.25 25.42 -13.00
CA TRP B 264 -12.68 24.58 -11.95
C TRP B 264 -13.61 23.43 -11.57
N LEU B 265 -14.91 23.73 -11.42
CA LEU B 265 -15.84 22.74 -10.87
C LEU B 265 -15.87 21.47 -11.72
N CYS B 266 -16.26 21.60 -12.99
CA CYS B 266 -16.37 20.44 -13.85
C CYS B 266 -15.11 20.16 -14.66
N SER B 267 -14.17 21.08 -14.72
CA SER B 267 -12.90 20.75 -15.35
C SER B 267 -12.07 19.92 -14.39
N GLU B 268 -11.45 20.55 -13.39
CA GLU B 268 -10.46 19.82 -12.60
C GLU B 268 -11.06 19.12 -11.39
N PHE B 269 -12.03 19.72 -10.70
CA PHE B 269 -12.58 19.08 -9.49
C PHE B 269 -13.37 17.82 -9.86
N LYS B 270 -14.33 17.95 -10.77
CA LYS B 270 -15.18 16.82 -11.12
C LYS B 270 -14.39 15.71 -11.80
N GLU B 271 -13.35 16.06 -12.56
CA GLU B 271 -12.53 15.03 -13.20
C GLU B 271 -11.84 14.17 -12.16
N SER B 272 -11.35 14.78 -11.08
CA SER B 272 -10.76 14.00 -10.00
C SER B 272 -11.82 13.08 -9.37
N MET B 273 -13.00 13.65 -9.08
CA MET B 273 -14.06 12.87 -8.43
C MET B 273 -14.57 11.73 -9.30
N LEU B 274 -14.42 11.85 -10.62
N LEU B 274 -14.46 11.82 -10.62
CA LEU B 274 -14.92 10.86 -11.56
CA LEU B 274 -14.99 10.77 -11.47
C LEU B 274 -13.97 9.70 -11.78
C LEU B 274 -13.97 9.69 -11.80
N THR B 275 -12.74 9.81 -11.30
CA THR B 275 -11.70 8.83 -11.59
C THR B 275 -12.06 7.46 -11.00
N LEU B 276 -11.92 6.41 -11.81
CA LEU B 276 -12.06 5.03 -11.34
C LEU B 276 -11.08 4.18 -12.13
N GLY B 277 -10.09 3.60 -11.45
CA GLY B 277 -9.17 2.70 -12.11
C GLY B 277 -8.06 3.40 -12.88
N LYS B 278 -7.27 2.58 -13.59
CA LYS B 278 -6.00 3.04 -14.15
C LYS B 278 -6.05 3.40 -15.63
N GLU B 279 -7.04 2.90 -16.37
CA GLU B 279 -7.19 3.33 -17.75
C GLU B 279 -7.78 4.73 -17.81
N SER B 280 -7.63 5.38 -18.96
CA SER B 280 -8.10 6.75 -19.13
C SER B 280 -9.53 6.78 -19.66
N SER B 286 -17.46 15.56 -19.88
CA SER B 286 -17.98 14.35 -19.23
C SER B 286 -19.50 14.40 -19.09
N SER B 287 -20.13 13.24 -19.21
CA SER B 287 -21.57 13.11 -19.16
C SER B 287 -22.11 12.75 -17.78
N VAL B 288 -21.28 12.81 -16.75
CA VAL B 288 -21.64 12.25 -15.45
C VAL B 288 -22.44 13.27 -14.66
N PRO B 289 -23.59 12.88 -14.10
CA PRO B 289 -24.39 13.82 -13.31
C PRO B 289 -23.69 14.20 -12.02
N LEU B 290 -23.68 15.50 -11.71
CA LEU B 290 -23.10 16.05 -10.50
C LEU B 290 -24.24 16.60 -9.63
N TYR B 291 -24.42 16.01 -8.45
CA TYR B 291 -25.44 16.43 -7.48
C TYR B 291 -24.73 17.11 -6.32
N LEU B 292 -25.10 18.35 -6.03
CA LEU B 292 -24.54 19.10 -4.91
C LEU B 292 -25.65 19.36 -3.90
N ILE B 293 -25.43 18.96 -2.65
CA ILE B 293 -26.43 19.07 -1.59
C ILE B 293 -26.04 20.21 -0.65
N TYR B 294 -26.91 21.20 -0.51
CA TYR B 294 -26.61 22.40 0.25
C TYR B 294 -27.94 22.98 0.74
N PRO B 295 -28.08 23.28 2.02
CA PRO B 295 -29.40 23.68 2.55
C PRO B 295 -29.97 24.89 1.83
N SER B 296 -31.26 24.79 1.47
CA SER B 296 -32.05 25.92 1.03
C SER B 296 -32.39 26.85 2.21
N VAL B 297 -32.85 28.05 1.86
CA VAL B 297 -33.37 28.96 2.88
C VAL B 297 -34.49 28.27 3.66
N GLU B 298 -35.39 27.60 2.95
N GLU B 298 -35.39 27.60 2.95
CA GLU B 298 -36.49 26.91 3.62
CA GLU B 298 -36.50 26.91 3.63
C GLU B 298 -35.97 25.83 4.56
C GLU B 298 -35.98 25.81 4.55
N ASN B 299 -34.94 25.08 4.13
CA ASN B 299 -34.34 24.08 5.00
C ASN B 299 -33.87 24.70 6.32
N VAL B 300 -33.22 25.86 6.24
CA VAL B 300 -32.70 26.53 7.42
C VAL B 300 -33.84 27.11 8.25
N ARG B 301 -34.81 27.75 7.58
CA ARG B 301 -35.91 28.43 8.28
C ARG B 301 -36.68 27.47 9.19
N THR B 302 -36.96 26.26 8.71
CA THR B 302 -37.72 25.30 9.50
C THR B 302 -36.83 24.30 10.25
N SER B 303 -35.54 24.58 10.39
CA SER B 303 -34.66 23.66 11.10
C SER B 303 -34.90 23.72 12.61
N LEU B 304 -34.28 22.79 13.33
CA LEU B 304 -34.37 22.79 14.79
C LEU B 304 -33.92 24.11 15.38
N GLU B 305 -32.85 24.70 14.82
CA GLU B 305 -32.34 25.97 15.32
C GLU B 305 -33.05 27.18 14.75
N GLY B 306 -33.74 27.03 13.62
CA GLY B 306 -34.23 28.16 12.89
C GLY B 306 -33.10 28.83 12.13
N TYR B 307 -33.31 30.11 11.83
CA TYR B 307 -32.32 30.87 11.08
C TYR B 307 -30.92 30.87 11.69
N PRO B 308 -30.73 30.82 13.02
CA PRO B 308 -29.36 30.82 13.55
C PRO B 308 -28.54 29.61 13.14
N ALA B 309 -29.17 28.53 12.65
CA ALA B 309 -28.37 27.46 12.07
C ALA B 309 -27.52 27.97 10.92
N GLY B 310 -28.01 28.98 10.21
CA GLY B 310 -27.33 29.60 9.10
C GLY B 310 -26.08 30.39 9.47
N GLY B 311 -25.85 30.62 10.77
CA GLY B 311 -24.57 31.17 11.17
C GLY B 311 -23.40 30.23 10.94
N SER B 312 -23.70 28.94 10.69
CA SER B 312 -22.66 27.95 10.39
C SER B 312 -22.75 27.45 8.95
N LEU B 313 -23.38 28.23 8.08
CA LEU B 313 -23.47 27.95 6.65
C LEU B 313 -23.02 29.22 5.93
N PRO B 314 -21.71 29.53 5.96
CA PRO B 314 -21.26 30.90 5.63
C PRO B 314 -21.06 31.15 4.13
N TYR B 315 -22.10 30.92 3.35
CA TYR B 315 -22.11 31.29 1.94
C TYR B 315 -22.53 32.76 1.82
N SER B 316 -21.61 33.61 1.35
CA SER B 316 -21.82 35.04 1.33
C SER B 316 -22.45 35.49 0.02
N ILE B 317 -23.20 36.60 0.08
CA ILE B 317 -23.85 37.13 -1.11
C ILE B 317 -22.82 37.62 -2.12
N GLN B 318 -21.68 38.13 -1.66
CA GLN B 318 -20.64 38.60 -2.57
C GLN B 318 -20.14 37.45 -3.44
N THR B 319 -19.95 36.27 -2.85
CA THR B 319 -19.52 35.11 -3.62
C THR B 319 -20.65 34.59 -4.51
N ALA B 320 -21.86 34.47 -3.94
CA ALA B 320 -22.95 33.80 -4.64
C ALA B 320 -23.36 34.53 -5.91
N GLU B 321 -23.39 35.87 -5.87
CA GLU B 321 -23.88 36.59 -7.04
C GLU B 321 -22.92 36.52 -8.21
N LYS B 322 -21.65 36.14 -7.97
CA LYS B 322 -20.70 35.95 -9.04
C LYS B 322 -20.82 34.59 -9.72
N GLN B 323 -21.65 33.69 -9.21
CA GLN B 323 -21.68 32.33 -9.72
C GLN B 323 -23.09 31.74 -9.62
N ASN B 324 -24.07 32.44 -10.18
CA ASN B 324 -25.41 31.88 -10.12
C ASN B 324 -25.56 30.64 -10.99
N TRP B 325 -24.65 30.43 -11.96
CA TRP B 325 -24.67 29.18 -12.72
C TRP B 325 -24.62 27.98 -11.78
N LEU B 326 -23.95 28.12 -10.64
CA LEU B 326 -23.74 26.99 -9.74
C LEU B 326 -25.04 26.47 -9.15
N HIS B 327 -26.04 27.34 -8.97
CA HIS B 327 -27.20 26.96 -8.16
C HIS B 327 -28.12 25.99 -8.89
N SER B 328 -28.00 25.87 -10.21
N SER B 328 -27.99 25.86 -10.20
CA SER B 328 -28.72 24.83 -10.94
CA SER B 328 -28.74 24.83 -10.91
C SER B 328 -28.30 23.42 -10.52
C SER B 328 -28.33 23.42 -10.48
N TYR B 329 -27.18 23.29 -9.81
CA TYR B 329 -26.69 22.00 -9.34
C TYR B 329 -27.19 21.65 -7.94
N PHE B 330 -27.89 22.57 -7.26
CA PHE B 330 -28.13 22.43 -5.83
C PHE B 330 -29.35 21.58 -5.53
N HIS B 331 -29.23 20.76 -4.49
CA HIS B 331 -30.26 19.84 -4.04
C HIS B 331 -30.47 20.07 -2.55
N LYS B 332 -31.71 19.88 -2.10
CA LYS B 332 -32.08 20.16 -0.71
C LYS B 332 -31.42 19.18 0.26
N TRP B 333 -31.24 19.65 1.50
CA TRP B 333 -30.91 18.74 2.59
C TRP B 333 -32.16 17.95 2.99
N SER B 334 -32.04 16.64 2.98
CA SER B 334 -33.10 15.76 3.45
C SER B 334 -32.43 14.55 4.08
N ALA B 335 -32.87 14.18 5.28
CA ALA B 335 -32.21 13.11 6.02
C ALA B 335 -33.22 12.33 6.86
N GLU B 336 -34.37 12.00 6.25
CA GLU B 336 -35.34 11.15 6.94
C GLU B 336 -34.71 9.84 7.38
N THR B 337 -33.76 9.32 6.61
CA THR B 337 -33.13 8.06 6.96
C THR B 337 -32.51 8.09 8.35
N SER B 338 -31.98 9.25 8.79
CA SER B 338 -31.38 9.36 10.11
C SER B 338 -32.17 10.28 11.02
N GLY B 339 -33.40 10.62 10.65
CA GLY B 339 -34.23 11.54 11.44
C GLY B 339 -33.66 12.94 11.56
N ARG B 340 -32.85 13.37 10.58
CA ARG B 340 -32.09 14.61 10.72
C ARG B 340 -32.41 15.64 9.64
N SER B 341 -33.60 15.59 9.02
CA SER B 341 -33.93 16.61 8.02
C SER B 341 -33.94 18.02 8.62
N ASN B 342 -34.20 18.16 9.92
CA ASN B 342 -34.21 19.47 10.58
C ASN B 342 -32.93 19.76 11.35
N ALA B 343 -31.92 18.89 11.28
CA ALA B 343 -30.61 19.13 11.88
C ALA B 343 -29.66 19.55 10.77
N MET B 344 -29.38 20.85 10.68
CA MET B 344 -28.67 21.34 9.50
C MET B 344 -27.28 20.72 9.43
N PRO B 345 -26.77 20.46 8.23
CA PRO B 345 -25.49 19.75 8.11
C PRO B 345 -24.29 20.67 8.34
N HIS B 346 -23.38 20.20 9.17
CA HIS B 346 -22.01 20.70 9.22
C HIS B 346 -21.02 19.61 8.81
N ILE B 347 -21.48 18.37 8.71
CA ILE B 347 -20.73 17.32 8.02
C ILE B 347 -20.48 17.71 6.56
N LYS B 348 -19.36 17.22 5.99
CA LYS B 348 -19.14 17.25 4.55
C LYS B 348 -18.84 15.85 4.08
N THR B 349 -19.49 15.45 2.98
CA THR B 349 -19.34 14.11 2.44
C THR B 349 -19.35 14.18 0.92
N TYR B 350 -18.65 13.22 0.29
CA TYR B 350 -18.59 13.11 -1.15
C TYR B 350 -18.66 11.62 -1.44
N MET B 351 -19.37 11.25 -2.51
CA MET B 351 -19.53 9.82 -2.76
C MET B 351 -19.92 9.58 -4.21
N ARG B 352 -19.88 8.31 -4.60
CA ARG B 352 -20.10 7.92 -6.00
C ARG B 352 -21.16 6.83 -6.05
N PRO B 353 -22.43 7.22 -6.05
CA PRO B 353 -23.49 6.20 -6.06
C PRO B 353 -23.71 5.60 -7.45
N SER B 354 -24.39 4.47 -7.46
CA SER B 354 -24.83 3.82 -8.69
C SER B 354 -25.98 4.61 -9.29
N PRO B 355 -26.36 4.32 -10.54
CA PRO B 355 -27.44 5.11 -11.17
C PRO B 355 -28.78 5.05 -10.43
N ASP B 356 -29.08 3.96 -9.72
CA ASP B 356 -30.30 3.86 -8.93
C ASP B 356 -30.05 4.08 -7.44
N PHE B 357 -28.87 4.56 -7.07
CA PHE B 357 -28.53 4.96 -5.70
C PHE B 357 -28.64 3.83 -4.67
N SER B 358 -28.60 2.57 -5.12
CA SER B 358 -28.63 1.46 -4.18
C SER B 358 -27.25 1.01 -3.76
N LYS B 359 -26.22 1.43 -4.47
CA LYS B 359 -24.83 1.06 -4.19
C LYS B 359 -23.97 2.32 -4.26
N ILE B 360 -22.77 2.24 -3.69
CA ILE B 360 -21.79 3.32 -3.82
C ILE B 360 -20.40 2.71 -4.08
N ALA B 361 -19.64 3.37 -4.95
CA ALA B 361 -18.28 2.92 -5.26
C ALA B 361 -17.27 3.42 -4.24
N TRP B 362 -17.61 4.47 -3.45
CA TRP B 362 -16.74 4.96 -2.39
C TRP B 362 -17.47 6.07 -1.63
N PHE B 363 -16.97 6.38 -0.44
CA PHE B 363 -17.56 7.37 0.45
C PHE B 363 -16.44 8.11 1.16
N LEU B 364 -16.53 9.45 1.20
CA LEU B 364 -15.55 10.30 1.87
C LEU B 364 -16.27 11.20 2.86
N VAL B 365 -15.78 11.24 4.10
N VAL B 365 -15.81 11.17 4.11
CA VAL B 365 -16.24 12.24 5.06
CA VAL B 365 -16.15 12.17 5.13
C VAL B 365 -15.04 13.10 5.43
C VAL B 365 -14.97 13.12 5.22
N THR B 366 -15.24 14.42 5.40
CA THR B 366 -14.11 15.33 5.48
C THR B 366 -14.55 16.65 6.09
N SER B 367 -13.55 17.47 6.43
CA SER B 367 -13.78 18.86 6.77
C SER B 367 -13.87 19.77 5.55
N ALA B 368 -13.52 19.28 4.36
CA ALA B 368 -13.37 20.13 3.19
C ALA B 368 -14.72 20.50 2.57
N ASN B 369 -15.01 21.80 2.53
CA ASN B 369 -16.15 22.34 1.81
C ASN B 369 -15.83 22.43 0.31
N LEU B 370 -16.78 22.93 -0.46
CA LEU B 370 -16.64 23.02 -1.90
C LEU B 370 -15.92 24.33 -2.24
N SER B 371 -14.59 24.28 -2.22
CA SER B 371 -13.81 25.47 -2.52
C SER B 371 -12.44 25.07 -3.06
N LYS B 372 -11.86 25.98 -3.86
CA LYS B 372 -10.47 25.81 -4.28
C LYS B 372 -9.52 25.86 -3.09
N ALA B 373 -9.83 26.64 -2.06
CA ALA B 373 -8.93 26.77 -0.93
C ALA B 373 -8.71 25.42 -0.25
N ALA B 374 -9.77 24.61 -0.19
CA ALA B 374 -9.74 23.33 0.52
C ALA B 374 -9.21 22.20 -0.34
N TRP B 375 -9.62 22.16 -1.60
CA TRP B 375 -9.34 21.04 -2.48
C TRP B 375 -8.12 21.27 -3.37
N GLY B 376 -7.72 22.52 -3.55
CA GLY B 376 -6.59 22.86 -4.40
C GLY B 376 -7.02 23.37 -5.77
N ALA B 377 -6.18 24.22 -6.36
CA ALA B 377 -6.40 24.75 -7.70
C ALA B 377 -5.08 24.73 -8.48
N LEU B 378 -5.15 24.27 -9.72
CA LEU B 378 -3.96 24.16 -10.56
C LEU B 378 -3.44 25.54 -10.96
N GLU B 379 -2.11 25.68 -10.92
CA GLU B 379 -1.43 26.93 -11.27
C GLU B 379 -0.29 26.63 -12.24
N LYS B 380 0.21 27.70 -12.86
CA LYS B 380 1.35 27.66 -13.78
C LYS B 380 1.16 26.62 -14.88
N ASN B 381 0.05 26.78 -15.61
CA ASN B 381 -0.28 25.93 -16.76
C ASN B 381 -0.27 24.45 -16.38
N GLY B 382 -0.85 24.13 -15.22
CA GLY B 382 -1.06 22.76 -14.81
C GLY B 382 0.07 22.11 -14.06
N THR B 383 1.16 22.84 -13.78
CA THR B 383 2.33 22.23 -13.15
C THR B 383 2.24 22.21 -11.63
N GLN B 384 1.51 23.15 -11.02
CA GLN B 384 1.46 23.29 -9.58
C GLN B 384 0.02 23.17 -9.08
N LEU B 385 -0.15 22.50 -7.94
CA LEU B 385 -1.41 22.50 -7.22
C LEU B 385 -1.26 23.40 -6.00
N MET B 386 -2.06 24.48 -5.96
CA MET B 386 -2.02 25.44 -4.87
C MET B 386 -3.18 25.15 -3.91
N ILE B 387 -2.85 24.95 -2.65
CA ILE B 387 -3.81 24.74 -1.57
C ILE B 387 -3.58 25.80 -0.50
N ARG B 388 -4.66 26.35 0.06
CA ARG B 388 -4.52 27.39 1.06
C ARG B 388 -4.74 26.92 2.49
N SER B 389 -5.51 25.84 2.70
N SER B 389 -5.47 25.83 2.69
CA SER B 389 -6.01 25.51 4.02
CA SER B 389 -5.98 25.48 4.00
C SER B 389 -5.64 24.08 4.42
C SER B 389 -5.52 24.09 4.43
N TYR B 390 -5.62 23.85 5.74
CA TYR B 390 -5.52 22.50 6.27
C TYR B 390 -6.92 21.87 6.26
N GLU B 391 -7.02 20.64 5.74
CA GLU B 391 -8.27 19.89 5.74
C GLU B 391 -7.94 18.41 5.97
N LEU B 392 -8.91 17.64 6.46
CA LEU B 392 -8.64 16.22 6.67
C LEU B 392 -9.92 15.42 6.56
N GLY B 393 -9.82 14.25 5.93
CA GLY B 393 -10.97 13.37 5.81
C GLY B 393 -10.50 11.93 5.67
N VAL B 394 -11.46 11.02 5.69
CA VAL B 394 -11.16 9.61 5.50
C VAL B 394 -12.04 9.04 4.39
N LEU B 395 -11.42 8.20 3.56
CA LEU B 395 -12.02 7.61 2.39
C LEU B 395 -12.28 6.14 2.63
N PHE B 396 -13.54 5.72 2.42
CA PHE B 396 -13.97 4.34 2.48
C PHE B 396 -14.04 3.77 1.05
N LEU B 397 -13.16 2.80 0.76
CA LEU B 397 -13.14 2.13 -0.54
C LEU B 397 -13.52 0.67 -0.39
N PRO B 398 -14.42 0.16 -1.23
CA PRO B 398 -14.83 -1.26 -1.13
C PRO B 398 -13.67 -2.23 -1.11
N SER B 399 -12.63 -2.00 -1.91
CA SER B 399 -11.47 -2.91 -1.94
C SER B 399 -10.81 -3.05 -0.57
N ALA B 400 -10.82 -2.00 0.25
CA ALA B 400 -10.22 -2.10 1.57
C ALA B 400 -11.01 -2.98 2.52
N PHE B 401 -12.23 -3.36 2.12
CA PHE B 401 -13.08 -4.24 2.92
C PHE B 401 -13.35 -5.56 2.20
N GLY B 402 -12.63 -5.86 1.12
CA GLY B 402 -12.84 -7.08 0.38
C GLY B 402 -14.10 -7.10 -0.46
N LEU B 403 -14.60 -5.93 -0.85
CA LEU B 403 -15.86 -5.81 -1.57
C LEU B 403 -15.64 -5.12 -2.92
N ASP B 404 -16.63 -5.28 -3.80
CA ASP B 404 -16.63 -4.58 -5.09
C ASP B 404 -17.36 -3.25 -5.02
N SER B 405 -18.35 -3.16 -4.13
CA SER B 405 -19.09 -1.93 -3.90
C SER B 405 -19.74 -2.04 -2.53
N PHE B 406 -20.23 -0.92 -2.02
CA PHE B 406 -21.00 -0.93 -0.79
C PHE B 406 -22.48 -0.87 -1.12
N LYS B 407 -23.28 -1.66 -0.43
CA LYS B 407 -24.72 -1.48 -0.49
C LYS B 407 -25.09 -0.34 0.45
N VAL B 408 -26.07 0.47 0.05
CA VAL B 408 -26.48 1.61 0.87
C VAL B 408 -27.43 1.12 1.95
N LYS B 409 -27.17 1.49 3.20
CA LYS B 409 -28.03 1.13 4.31
C LYS B 409 -29.37 1.86 4.21
N GLN B 410 -30.47 1.10 4.28
CA GLN B 410 -31.77 1.65 3.95
C GLN B 410 -32.27 2.64 5.00
N LYS B 411 -32.12 2.30 6.28
CA LYS B 411 -32.36 3.22 7.37
C LYS B 411 -31.11 3.27 8.24
N PHE B 412 -30.59 4.48 8.46
CA PHE B 412 -29.27 4.68 9.05
C PHE B 412 -29.08 3.90 10.36
N PHE B 413 -30.11 3.88 11.21
CA PHE B 413 -30.02 3.23 12.51
C PHE B 413 -30.64 1.84 12.51
N ALA B 414 -30.95 1.27 11.35
CA ALA B 414 -31.50 -0.08 11.25
C ALA B 414 -30.38 -1.11 11.41
N GLY B 415 -30.67 -2.36 11.08
CA GLY B 415 -29.69 -3.43 11.20
C GLY B 415 -29.61 -4.34 9.98
N PRO B 419 -26.73 -7.94 6.55
CA PRO B 419 -25.26 -8.04 6.60
C PRO B 419 -24.61 -6.68 6.81
N MET B 420 -23.65 -6.60 7.73
CA MET B 420 -23.00 -5.33 8.05
C MET B 420 -22.03 -4.85 6.95
N ALA B 421 -22.10 -5.39 5.74
CA ALA B 421 -21.36 -4.86 4.59
C ALA B 421 -22.13 -3.76 3.84
N THR B 422 -23.00 -3.03 4.54
CA THR B 422 -23.79 -1.97 3.95
C THR B 422 -23.43 -0.65 4.62
N PHE B 423 -23.28 0.38 3.81
CA PHE B 423 -22.70 1.60 4.34
C PHE B 423 -23.79 2.56 4.80
N PRO B 424 -23.66 3.12 6.01
CA PRO B 424 -24.66 4.07 6.55
C PRO B 424 -24.54 5.49 6.00
N VAL B 425 -25.10 5.71 4.82
CA VAL B 425 -25.20 7.05 4.25
C VAL B 425 -26.20 7.85 5.08
N PRO B 426 -25.81 9.00 5.65
CA PRO B 426 -26.66 9.66 6.65
C PRO B 426 -27.78 10.55 6.11
N TYR B 427 -27.89 10.75 4.80
CA TYR B 427 -28.96 11.55 4.23
C TYR B 427 -29.64 10.75 3.13
N ASP B 428 -30.76 11.28 2.63
CA ASP B 428 -31.64 10.54 1.74
C ASP B 428 -31.12 10.52 0.31
N LEU B 429 -31.35 9.40 -0.36
CA LEU B 429 -31.06 9.24 -1.79
C LEU B 429 -32.32 8.79 -2.52
N PRO B 430 -32.54 9.28 -3.74
CA PRO B 430 -31.73 10.27 -4.45
C PRO B 430 -31.94 11.67 -3.88
N PRO B 431 -30.96 12.55 -4.03
CA PRO B 431 -31.15 13.94 -3.60
C PRO B 431 -32.22 14.63 -4.43
N GLU B 432 -32.96 15.53 -3.78
CA GLU B 432 -34.08 16.23 -4.39
C GLU B 432 -33.66 17.62 -4.85
N LEU B 433 -33.89 17.92 -6.12
CA LEU B 433 -33.52 19.20 -6.68
C LEU B 433 -34.31 20.33 -6.01
N TYR B 434 -33.66 21.49 -5.87
CA TYR B 434 -34.33 22.70 -5.43
C TYR B 434 -35.57 22.96 -6.29
N GLY B 435 -36.65 23.43 -5.65
CA GLY B 435 -37.81 23.90 -6.40
C GLY B 435 -37.55 25.26 -7.03
N SER B 436 -38.48 25.66 -7.91
CA SER B 436 -38.30 26.91 -8.63
C SER B 436 -38.27 28.12 -7.68
N LYS B 437 -38.88 27.99 -6.51
CA LYS B 437 -38.90 29.07 -5.53
C LYS B 437 -37.77 28.98 -4.52
N ASP B 438 -37.04 27.85 -4.47
CA ASP B 438 -35.98 27.68 -3.49
C ASP B 438 -34.76 28.51 -3.86
N ARG B 439 -33.99 28.88 -2.83
CA ARG B 439 -32.76 29.64 -2.97
C ARG B 439 -31.72 29.05 -2.03
N PRO B 440 -30.45 29.07 -2.41
CA PRO B 440 -29.41 28.61 -1.48
C PRO B 440 -29.39 29.50 -0.25
N TRP B 441 -29.14 28.90 0.90
CA TRP B 441 -28.93 29.72 2.10
C TRP B 441 -27.72 30.62 1.91
N ILE B 442 -27.91 31.91 2.14
CA ILE B 442 -26.84 32.92 2.06
C ILE B 442 -26.87 33.68 3.37
N TRP B 443 -25.76 33.64 4.12
CA TRP B 443 -25.87 33.99 5.53
C TRP B 443 -25.89 35.50 5.78
N ASN B 444 -25.41 36.32 4.85
CA ASN B 444 -25.22 37.74 5.12
C ASN B 444 -26.23 38.61 4.39
N ILE B 445 -27.44 38.10 4.17
CA ILE B 445 -28.57 38.90 3.72
C ILE B 445 -29.73 38.64 4.68
N PRO B 446 -30.70 39.56 4.75
CA PRO B 446 -31.80 39.38 5.70
C PRO B 446 -32.94 38.51 5.16
N TYR B 447 -33.56 37.80 6.09
CA TYR B 447 -34.79 37.03 5.82
C TYR B 447 -35.85 37.56 6.79
N VAL B 448 -36.75 38.40 6.28
CA VAL B 448 -37.70 39.12 7.12
C VAL B 448 -39.14 38.85 6.74
N LYS B 449 -39.39 38.07 5.69
CA LYS B 449 -40.75 37.87 5.22
C LYS B 449 -41.45 36.68 5.87
N ALA B 450 -40.69 35.72 6.40
CA ALA B 450 -41.30 34.55 7.03
C ALA B 450 -40.55 34.16 8.31
N PRO B 451 -41.24 34.06 9.44
CA PRO B 451 -40.55 33.71 10.68
C PRO B 451 -40.07 32.27 10.64
N ASP B 452 -39.03 31.99 11.43
CA ASP B 452 -38.46 30.65 11.50
C ASP B 452 -39.13 29.83 12.61
N THR B 453 -38.50 28.69 12.93
CA THR B 453 -38.98 27.74 13.91
C THR B 453 -39.34 28.39 15.24
N HIS B 454 -38.57 29.39 15.66
CA HIS B 454 -38.73 30.02 16.95
C HIS B 454 -39.39 31.39 16.85
N GLY B 455 -40.03 31.69 15.73
CA GLY B 455 -40.77 32.93 15.57
C GLY B 455 -39.94 34.14 15.22
N ASN B 456 -38.69 33.95 14.82
CA ASN B 456 -37.74 35.03 14.64
C ASN B 456 -37.46 35.28 13.16
N MET B 457 -36.99 36.48 12.88
CA MET B 457 -36.43 36.86 11.59
C MET B 457 -34.91 36.86 11.69
N TRP B 458 -34.26 36.97 10.53
CA TRP B 458 -32.81 36.93 10.44
C TRP B 458 -32.31 38.25 9.86
N VAL B 459 -31.59 39.01 10.66
CA VAL B 459 -31.02 40.28 10.22
C VAL B 459 -29.52 40.28 10.57
N PRO B 460 -28.63 40.00 9.62
CA PRO B 460 -27.17 39.89 9.81
C PRO B 460 -26.51 41.14 10.35
C10 K7D C . 18.03 -25.27 -20.28
C13 K7D C . 18.93 -22.92 -21.41
C15 K7D C . 20.30 -25.66 -18.13
C17 K7D C . 20.10 -25.62 -15.73
C02 K7D C . 16.63 -22.95 -13.50
C04 K7D C . 17.32 -23.43 -14.79
C05 K7D C . 16.92 -23.04 -16.08
C07 K7D C . 18.57 -24.31 -17.08
C08 K7D C . 19.23 -24.79 -18.25
C09 K7D C . 18.84 -24.43 -19.55
C11 K7D C . 17.65 -24.94 -21.57
C12 K7D C . 18.10 -23.76 -22.14
C14 K7D C . 19.30 -23.25 -20.12
C16 K7D C . 20.74 -26.08 -16.87
C18 K7D C . 19.01 -24.73 -15.84
C19 K7D C . 18.38 -24.29 -14.67
N06 K7D C . 17.52 -23.47 -17.18
O01 K7D C . 17.11 -21.96 -12.88
O03 K7D C . 15.61 -23.52 -13.07
O20 K7D C . 18.75 -24.64 -13.59
C1 EDO D . 12.69 -10.20 -10.25
O1 EDO D . 11.99 -11.11 -9.39
C2 EDO D . 12.21 -10.36 -11.70
O2 EDO D . 10.81 -10.06 -11.80
C1 EDO E . 2.08 -7.24 -8.96
O1 EDO E . 2.46 -8.60 -9.26
C2 EDO E . 2.19 -6.36 -10.20
O2 EDO E . 2.09 -4.98 -9.79
C1 EDO F . -10.88 -10.19 -1.13
O1 EDO F . -9.69 -10.93 -1.44
C2 EDO F . -11.61 -10.90 0.01
O2 EDO F . -10.74 -11.05 1.14
C1 EDO G . -9.52 17.40 1.34
O1 EDO G . -8.16 17.02 1.46
C2 EDO G . -10.42 16.18 1.47
O2 EDO G . -10.29 15.59 2.78
C1 EDO H . -6.72 33.68 10.61
O1 EDO H . -5.53 32.91 10.77
C2 EDO H . -6.64 34.96 11.45
O2 EDO H . -6.76 34.65 12.84
#